data_5N7G
#
_entry.id   5N7G
#
_cell.length_a   194.930
_cell.length_b   60.230
_cell.length_c   99.350
_cell.angle_alpha   90.00
_cell.angle_beta   98.69
_cell.angle_gamma   90.00
#
_symmetry.space_group_name_H-M   'C 1 2 1'
#
loop_
_entity.id
_entity.type
_entity.pdbx_description
1 polymer 'Membrane-associated guanylate kinase, WW and PDZ domain-containing protein 1,Annexin A2'
2 polymer 'Ribosomal protein S6 kinase alpha-1'
3 non-polymer GLYCEROL
4 non-polymer 'CALCIUM ION'
#
loop_
_entity_poly.entity_id
_entity_poly.type
_entity_poly.pdbx_seq_one_letter_code
_entity_poly.pdbx_strand_id
1 'polypeptide(L)'
;GSMGKPFFTRNPSELKGKFIHTKLRKSSRGFGFTVVGGDEPDEFLQIKSLVLDGPAALDGKMETGDVIVSVNDTCVLGHT
HAQVVKIFQSIPIGASVDLELCRGYPLGSSAYGSVKAYTNFDAERDALNIETAIKTKGVDEVTIVNILTNRSNEQRQDIA
FAYQRRTKKELASALKSALSGHLETVILGLLKTPAQYDASELKASMKGLGTDEDSLIEIICSRTNQELQEINRVYKEMYK
TDLEKDIISDTSGDFRKLMVALAKGRRAEDGSVIDYELIDQDARDLYDAGVKRKGTDVPKWISIMTERSVPHLQKVFDRY
KSYSPYDMLESIRKEVKGDLENAFLNLVQCIQNKPLYFADRLYDSMKGKGTRDKVLIRIMVSRSEVDMLKIRSEFKRKYG
KSLYYYIQQDTKGDYQKALLYLCGGDD
;
A,B
2 'polypeptide(L)' KLP(SEP)TTL C
#
loop_
_chem_comp.id
_chem_comp.type
_chem_comp.name
_chem_comp.formula
CA non-polymer 'CALCIUM ION' 'Ca 2'
GOL non-polymer GLYCEROL 'C3 H8 O3'
#
# COMPACT_ATOMS: atom_id res chain seq x y z
N LYS A 5 1.34 12.81 30.02
CA LYS A 5 2.16 13.41 31.07
C LYS A 5 3.61 13.83 30.69
N PRO A 6 4.05 13.66 29.44
CA PRO A 6 5.49 13.65 29.17
C PRO A 6 6.20 14.86 29.77
N PHE A 7 7.39 14.61 30.34
CA PHE A 7 8.08 15.61 31.12
C PHE A 7 8.32 16.89 30.31
N PHE A 8 8.12 18.03 30.97
CA PHE A 8 8.28 19.33 30.35
C PHE A 8 8.91 20.29 31.34
N THR A 9 9.79 21.15 30.85
CA THR A 9 10.39 22.20 31.67
C THR A 9 10.74 23.37 30.77
N ARG A 10 10.56 24.58 31.28
CA ARG A 10 10.93 25.79 30.56
C ARG A 10 12.34 26.27 30.89
N ASN A 11 12.95 25.76 31.97
CA ASN A 11 14.31 26.11 32.33
C ASN A 11 15.29 25.13 31.70
N PRO A 12 16.32 25.61 30.99
CA PRO A 12 17.28 24.68 30.38
C PRO A 12 18.15 23.94 31.38
N SER A 13 18.26 24.45 32.61
CA SER A 13 19.05 23.79 33.66
C SER A 13 18.36 22.56 34.22
N GLU A 14 17.24 22.14 33.63
CA GLU A 14 16.51 20.96 34.06
C GLU A 14 16.39 19.91 32.95
N LEU A 15 17.10 20.09 31.85
CA LEU A 15 17.08 19.11 30.77
C LEU A 15 18.07 17.98 31.05
N LYS A 16 17.77 16.80 30.49
CA LYS A 16 18.48 15.59 30.85
C LYS A 16 19.66 15.29 29.92
N GLY A 17 19.41 15.15 28.63
CA GLY A 17 20.42 14.67 27.71
C GLY A 17 21.53 15.64 27.37
N LYS A 18 22.16 15.46 26.22
CA LYS A 18 23.24 16.31 25.77
C LYS A 18 22.73 17.34 24.77
N PHE A 19 23.49 18.41 24.60
CA PHE A 19 23.08 19.55 23.80
C PHE A 19 23.91 19.66 22.52
N ILE A 20 23.26 20.12 21.45
CA ILE A 20 23.86 20.20 20.13
C ILE A 20 23.48 21.55 19.52
N HIS A 21 24.47 22.24 18.97
CA HIS A 21 24.26 23.52 18.29
C HIS A 21 24.45 23.34 16.80
N THR A 22 23.61 24.00 16.01
CA THR A 22 23.60 23.85 14.56
C THR A 22 23.41 25.21 13.91
N LYS A 23 23.89 25.32 12.66
CA LYS A 23 23.71 26.51 11.85
C LYS A 23 23.25 26.06 10.46
N LEU A 24 21.98 26.27 10.16
CA LEU A 24 21.37 25.79 8.92
C LEU A 24 20.99 26.99 8.06
N ARG A 25 21.47 27.00 6.83
CA ARG A 25 21.15 28.05 5.87
C ARG A 25 19.86 27.71 5.15
N LYS A 26 18.96 28.68 5.06
CA LYS A 26 17.64 28.44 4.49
C LYS A 26 17.72 28.35 2.97
N SER A 27 17.21 27.25 2.44
CA SER A 27 17.21 26.99 1.00
C SER A 27 15.87 27.42 0.40
N SER A 28 15.65 27.08 -0.88
CA SER A 28 14.42 27.42 -1.55
C SER A 28 13.23 26.60 -1.05
N ARG A 29 13.49 25.49 -0.38
CA ARG A 29 12.44 24.64 0.19
C ARG A 29 12.54 24.56 1.71
N GLY A 30 13.01 25.64 2.33
CA GLY A 30 13.10 25.68 3.78
C GLY A 30 14.34 24.97 4.30
N PHE A 31 14.30 24.68 5.60
CA PHE A 31 15.41 24.02 6.27
C PHE A 31 15.35 22.50 6.18
N GLY A 32 14.24 21.94 5.68
CA GLY A 32 14.18 20.51 5.42
C GLY A 32 13.94 19.63 6.63
N PHE A 33 13.05 20.03 7.53
CA PHE A 33 12.65 19.18 8.64
C PHE A 33 11.29 19.63 9.15
N THR A 34 10.58 18.71 9.81
CA THR A 34 9.26 18.97 10.35
C THR A 34 9.30 18.87 11.87
N VAL A 35 8.36 19.57 12.52
CA VAL A 35 8.31 19.67 13.97
C VAL A 35 6.96 19.17 14.46
N VAL A 36 6.97 18.43 15.57
CA VAL A 36 5.75 18.01 16.24
C VAL A 36 5.69 18.63 17.62
N GLY A 37 4.57 18.41 18.33
CA GLY A 37 4.34 19.02 19.62
C GLY A 37 3.95 20.49 19.51
N GLY A 38 3.44 21.01 20.61
CA GLY A 38 3.16 22.43 20.70
C GLY A 38 1.73 22.86 20.94
N ASP A 39 0.75 21.95 20.92
CA ASP A 39 -0.60 22.33 21.35
C ASP A 39 -0.65 22.52 22.86
N GLU A 40 -0.39 21.44 23.57
CA GLU A 40 -0.38 21.47 25.01
C GLU A 40 0.57 22.57 25.47
N PRO A 41 0.12 23.51 26.30
CA PRO A 41 0.98 24.62 26.71
C PRO A 41 2.34 24.17 27.23
N ASP A 42 2.36 23.10 28.02
CA ASP A 42 3.61 22.51 28.51
C ASP A 42 3.94 21.26 27.68
N GLU A 43 4.42 21.48 26.47
CA GLU A 43 4.81 20.38 25.59
C GLU A 43 6.01 20.79 24.76
N PHE A 44 7.02 19.92 24.70
CA PHE A 44 8.22 20.20 23.93
C PHE A 44 7.93 20.18 22.44
N LEU A 45 8.79 20.85 21.67
CA LEU A 45 8.80 20.76 20.21
C LEU A 45 9.95 19.86 19.80
N GLN A 46 9.64 18.79 19.08
CA GLN A 46 10.63 17.79 18.73
C GLN A 46 10.64 17.56 17.23
N ILE A 47 11.83 17.25 16.70
CA ILE A 47 11.99 16.98 15.27
C ILE A 47 11.35 15.64 14.96
N LYS A 48 10.38 15.64 14.03
CA LYS A 48 9.73 14.40 13.65
C LYS A 48 10.46 13.67 12.53
N SER A 49 10.95 14.42 11.55
CA SER A 49 11.63 13.82 10.41
C SER A 49 12.51 14.87 9.74
N LEU A 50 13.45 14.39 8.93
CA LEU A 50 14.36 15.25 8.19
C LEU A 50 14.23 14.94 6.71
N VAL A 51 13.95 15.97 5.91
CA VAL A 51 13.89 15.82 4.47
C VAL A 51 15.29 15.47 3.97
N LEU A 52 15.46 14.27 3.43
CA LEU A 52 16.72 13.90 2.82
C LEU A 52 17.03 14.84 1.66
N ASP A 53 18.32 15.09 1.45
CA ASP A 53 18.85 16.07 0.49
C ASP A 53 18.58 17.51 0.94
N GLY A 54 17.95 17.72 2.09
CA GLY A 54 17.66 19.04 2.58
C GLY A 54 18.78 19.60 3.45
N PRO A 55 18.64 20.86 3.86
CA PRO A 55 19.70 21.48 4.67
C PRO A 55 19.94 20.80 6.00
N ALA A 56 18.88 20.41 6.70
CA ALA A 56 19.05 19.77 8.01
C ALA A 56 19.73 18.42 7.89
N ALA A 57 19.46 17.68 6.81
CA ALA A 57 20.07 16.36 6.63
C ALA A 57 21.52 16.47 6.18
N LEU A 58 21.79 17.31 5.18
CA LEU A 58 23.14 17.43 4.66
C LEU A 58 24.12 18.06 5.65
N ASP A 59 23.63 18.60 6.77
CA ASP A 59 24.50 19.04 7.84
C ASP A 59 24.78 17.94 8.86
N GLY A 60 23.91 16.93 8.94
CA GLY A 60 24.17 15.74 9.72
C GLY A 60 24.11 15.89 11.22
N LYS A 61 23.84 17.09 11.74
CA LYS A 61 23.80 17.27 13.19
C LYS A 61 22.42 17.00 13.77
N MET A 62 21.36 17.37 13.06
CA MET A 62 20.00 17.22 13.58
C MET A 62 19.55 15.76 13.45
N GLU A 63 18.89 15.28 14.51
CA GLU A 63 18.31 13.94 14.53
C GLU A 63 16.87 14.01 15.02
N THR A 64 16.09 13.02 14.63
CA THR A 64 14.70 12.95 15.05
C THR A 64 14.60 12.80 16.57
N GLY A 65 13.51 13.32 17.14
CA GLY A 65 13.34 13.34 18.58
C GLY A 65 14.09 14.42 19.30
N ASP A 66 14.81 15.28 18.58
CA ASP A 66 15.55 16.37 19.21
C ASP A 66 14.60 17.46 19.69
N VAL A 67 14.72 17.82 20.96
CA VAL A 67 13.95 18.92 21.52
C VAL A 67 14.60 20.24 21.08
N ILE A 68 13.81 21.10 20.45
CA ILE A 68 14.29 22.42 20.05
C ILE A 68 14.33 23.30 21.30
N VAL A 69 15.53 23.65 21.75
CA VAL A 69 15.70 24.40 22.98
C VAL A 69 15.67 25.91 22.72
N SER A 70 16.46 26.38 21.76
CA SER A 70 16.51 27.80 21.44
C SER A 70 16.72 27.99 19.94
N VAL A 71 16.11 29.04 19.41
CA VAL A 71 16.21 29.39 18.00
C VAL A 71 16.75 30.82 17.91
N ASN A 72 17.91 30.99 17.28
CA ASN A 72 18.55 32.29 17.09
C ASN A 72 18.73 33.03 18.42
N ASP A 73 19.40 32.35 19.35
CA ASP A 73 19.74 32.89 20.67
C ASP A 73 18.50 33.24 21.49
N THR A 74 17.34 32.69 21.15
CA THR A 74 16.10 32.91 21.87
C THR A 74 15.53 31.57 22.31
N CYS A 75 15.44 31.36 23.63
CA CYS A 75 14.90 30.12 24.15
C CYS A 75 13.43 29.97 23.78
N VAL A 76 13.09 28.82 23.19
CA VAL A 76 11.73 28.55 22.74
C VAL A 76 11.08 27.43 23.56
N LEU A 77 11.57 27.19 24.77
CA LEU A 77 10.95 26.19 25.64
C LEU A 77 9.60 26.71 26.12
N GLY A 78 8.53 26.03 25.73
CA GLY A 78 7.18 26.48 26.03
C GLY A 78 6.51 27.24 24.92
N HIS A 79 7.22 27.55 23.83
CA HIS A 79 6.61 28.24 22.70
C HIS A 79 5.56 27.37 22.04
N THR A 80 4.50 28.01 21.55
CA THR A 80 3.48 27.31 20.80
C THR A 80 4.05 26.85 19.46
N HIS A 81 3.37 25.88 18.85
CA HIS A 81 3.83 25.36 17.57
C HIS A 81 3.79 26.44 16.49
N ALA A 82 2.75 27.28 16.51
CA ALA A 82 2.62 28.33 15.50
C ALA A 82 3.62 29.45 15.74
N GLN A 83 4.05 29.65 16.99
CA GLN A 83 5.02 30.71 17.27
C GLN A 83 6.41 30.34 16.77
N VAL A 84 6.72 29.04 16.68
CA VAL A 84 8.05 28.62 16.27
C VAL A 84 8.17 28.60 14.76
N VAL A 85 7.16 28.10 14.05
CA VAL A 85 7.21 28.08 12.59
C VAL A 85 7.22 29.49 12.01
N LYS A 86 6.73 30.48 12.75
CA LYS A 86 6.80 31.85 12.28
C LYS A 86 8.22 32.40 12.35
N ILE A 87 9.03 31.87 13.27
CA ILE A 87 10.43 32.29 13.35
C ILE A 87 11.21 31.73 12.16
N PHE A 88 10.95 30.48 11.79
CA PHE A 88 11.68 29.86 10.69
C PHE A 88 11.22 30.42 9.34
N GLN A 89 9.96 30.81 9.23
CA GLN A 89 9.45 31.34 7.96
C GLN A 89 9.79 32.81 7.77
N SER A 90 10.13 33.53 8.84
CA SER A 90 10.52 34.94 8.69
C SER A 90 11.92 35.07 8.15
N ILE A 91 12.72 34.03 8.22
CA ILE A 91 14.11 34.08 7.74
C ILE A 91 14.09 34.01 6.21
N PRO A 92 14.77 34.92 5.52
CA PRO A 92 14.78 34.88 4.06
C PRO A 92 15.72 33.80 3.54
N ILE A 93 15.62 33.55 2.24
CA ILE A 93 16.47 32.56 1.59
C ILE A 93 17.92 33.05 1.61
N GLY A 94 18.83 32.12 1.93
CA GLY A 94 20.24 32.43 2.02
C GLY A 94 20.72 32.74 3.43
N ALA A 95 19.83 33.21 4.29
CA ALA A 95 20.18 33.45 5.68
C ALA A 95 20.14 32.14 6.47
N SER A 96 20.83 32.13 7.60
CA SER A 96 20.98 30.94 8.42
C SER A 96 20.17 31.08 9.72
N VAL A 97 20.19 30.02 10.51
CA VAL A 97 19.50 29.98 11.79
C VAL A 97 20.33 29.15 12.75
N ASP A 98 20.34 29.54 14.03
CA ASP A 98 21.09 28.85 15.07
C ASP A 98 20.11 28.03 15.91
N LEU A 99 20.27 26.71 15.88
CA LEU A 99 19.38 25.80 16.59
C LEU A 99 20.16 25.07 17.67
N GLU A 100 19.72 25.23 18.92
CA GLU A 100 20.25 24.46 20.04
C GLU A 100 19.31 23.29 20.28
N LEU A 101 19.81 22.07 20.05
CA LEU A 101 19.02 20.87 20.14
C LEU A 101 19.41 20.06 21.38
N CYS A 102 18.43 19.40 21.97
CA CYS A 102 18.64 18.54 23.13
C CYS A 102 18.29 17.11 22.75
N ARG A 103 19.26 16.21 22.87
CA ARG A 103 19.09 14.80 22.54
C ARG A 103 19.01 14.01 23.83
N GLY A 104 17.95 13.22 23.97
CA GLY A 104 17.76 12.44 25.18
C GLY A 104 16.31 12.33 25.61
N TYR A 105 15.44 13.11 24.97
CA TYR A 105 14.01 12.97 25.21
C TYR A 105 13.37 12.24 24.05
N PRO A 106 12.56 11.23 24.28
CA PRO A 106 12.12 10.34 23.22
C PRO A 106 10.86 10.77 22.56
N LEU A 107 10.48 10.11 21.49
CA LEU A 107 9.27 10.45 20.80
C LEU A 107 8.16 9.38 20.82
N GLY A 108 7.69 8.99 19.66
CA GLY A 108 6.46 8.25 19.56
C GLY A 108 6.58 6.89 20.16
N SER A 109 6.86 6.83 21.44
CA SER A 109 7.08 5.58 22.09
C SER A 109 5.80 5.04 22.59
N SER A 110 5.78 3.78 22.98
CA SER A 110 4.59 3.12 23.45
C SER A 110 4.52 3.17 24.92
N ALA A 111 3.37 3.56 25.43
CA ALA A 111 3.22 3.80 26.83
C ALA A 111 3.18 2.54 27.61
N TYR A 112 3.08 1.43 26.91
CA TYR A 112 2.86 0.16 27.54
C TYR A 112 3.98 -0.80 27.31
N GLY A 113 5.04 -0.37 26.68
CA GLY A 113 6.18 -1.24 26.53
C GLY A 113 7.03 -1.29 27.79
N SER A 114 7.91 -2.28 27.84
CA SER A 114 8.81 -2.43 28.98
C SER A 114 10.25 -2.04 28.68
N VAL A 115 10.69 -2.15 27.43
CA VAL A 115 12.04 -1.76 27.02
C VAL A 115 11.95 -0.36 26.43
N LYS A 116 12.50 0.62 27.16
CA LYS A 116 12.47 2.01 26.73
C LYS A 116 13.83 2.44 26.20
N ALA A 117 13.83 3.57 25.48
CA ALA A 117 15.05 4.08 24.88
C ALA A 117 15.99 4.61 25.95
N TYR A 118 17.26 4.22 25.85
CA TYR A 118 18.27 4.71 26.77
C TYR A 118 18.51 6.20 26.56
N THR A 119 18.53 6.97 27.65
CA THR A 119 18.60 8.43 27.52
C THR A 119 19.99 8.87 27.09
N ASN A 120 21.03 8.45 27.81
CA ASN A 120 22.41 8.83 27.48
C ASN A 120 23.00 7.89 26.43
N PHE A 121 22.30 7.73 25.31
CA PHE A 121 22.70 6.76 24.30
C PHE A 121 23.98 7.19 23.61
N ASP A 122 24.91 6.24 23.46
CA ASP A 122 26.18 6.46 22.78
C ASP A 122 26.45 5.20 21.95
N ALA A 123 26.04 5.22 20.67
CA ALA A 123 26.19 4.05 19.83
C ALA A 123 27.64 3.63 19.70
N GLU A 124 28.56 4.61 19.65
CA GLU A 124 29.98 4.27 19.56
C GLU A 124 30.46 3.60 20.84
N ARG A 125 30.07 4.13 22.00
CA ARG A 125 30.48 3.55 23.27
C ARG A 125 29.88 2.16 23.45
N ASP A 126 28.64 1.95 22.99
CA ASP A 126 28.01 0.64 23.11
C ASP A 126 28.69 -0.38 22.21
N ALA A 127 28.90 -0.04 20.94
CA ALA A 127 29.60 -0.95 20.04
C ALA A 127 31.01 -1.23 20.53
N LEU A 128 31.62 -0.28 21.25
CA LEU A 128 32.92 -0.50 21.85
C LEU A 128 32.86 -1.57 22.93
N ASN A 129 31.94 -1.41 23.89
CA ASN A 129 31.85 -2.34 25.02
C ASN A 129 31.39 -3.73 24.58
N ILE A 130 30.62 -3.83 23.50
CA ILE A 130 30.19 -5.13 23.02
C ILE A 130 31.35 -5.90 22.42
N GLU A 131 32.15 -5.23 21.57
CA GLU A 131 33.33 -5.87 21.01
C GLU A 131 34.26 -6.37 22.10
N THR A 132 34.47 -5.57 23.14
CA THR A 132 35.30 -5.99 24.25
C THR A 132 34.74 -7.23 24.93
N ALA A 133 33.41 -7.31 25.05
CA ALA A 133 32.79 -8.50 25.65
C ALA A 133 32.85 -9.69 24.70
N ILE A 134 32.63 -9.45 23.41
CA ILE A 134 32.69 -10.54 22.43
C ILE A 134 34.08 -11.12 22.36
N LYS A 135 35.11 -10.26 22.33
CA LYS A 135 36.48 -10.72 22.22
C LYS A 135 37.06 -11.20 23.54
N THR A 136 36.38 -10.95 24.66
CA THR A 136 36.82 -11.49 25.94
C THR A 136 36.85 -13.01 25.89
N LYS A 137 37.98 -13.58 26.32
CA LYS A 137 38.09 -15.03 26.42
C LYS A 137 37.03 -15.57 27.36
N GLY A 138 36.27 -16.54 26.89
CA GLY A 138 35.08 -16.94 27.62
C GLY A 138 34.05 -15.83 27.56
N VAL A 139 33.54 -15.57 26.35
CA VAL A 139 32.71 -14.43 26.00
C VAL A 139 31.87 -13.92 27.16
N ASP A 140 31.96 -12.62 27.42
CA ASP A 140 31.25 -11.94 28.49
C ASP A 140 29.81 -11.69 28.03
N GLU A 141 28.93 -12.66 28.32
CA GLU A 141 27.53 -12.51 27.95
C GLU A 141 26.77 -11.55 28.87
N VAL A 142 27.28 -11.32 30.09
CA VAL A 142 26.59 -10.42 31.01
C VAL A 142 26.51 -9.02 30.44
N THR A 143 27.64 -8.49 29.94
CA THR A 143 27.63 -7.15 29.38
C THR A 143 26.80 -7.08 28.11
N ILE A 144 26.89 -8.11 27.26
CA ILE A 144 26.09 -8.13 26.04
C ILE A 144 24.61 -8.07 26.38
N VAL A 145 24.18 -8.81 27.40
CA VAL A 145 22.79 -8.75 27.83
C VAL A 145 22.48 -7.41 28.48
N ASN A 146 23.42 -6.87 29.28
CA ASN A 146 23.18 -5.62 29.97
C ASN A 146 22.98 -4.45 29.02
N ILE A 147 23.52 -4.54 27.81
CA ILE A 147 23.41 -3.45 26.85
C ILE A 147 22.18 -3.66 25.96
N LEU A 148 22.16 -4.78 25.24
CA LEU A 148 21.17 -4.96 24.18
C LEU A 148 19.74 -5.02 24.73
N THR A 149 19.55 -5.63 25.90
CA THR A 149 18.22 -5.64 26.51
C THR A 149 17.86 -4.33 27.17
N ASN A 150 18.78 -3.35 27.19
CA ASN A 150 18.53 -2.04 27.81
C ASN A 150 18.55 -0.93 26.77
N ARG A 151 18.42 -1.27 25.48
CA ARG A 151 18.35 -0.30 24.40
C ARG A 151 17.06 -0.51 23.61
N SER A 152 16.56 0.57 23.02
CA SER A 152 15.42 0.45 22.12
C SER A 152 15.86 -0.23 20.82
N ASN A 153 14.89 -0.78 20.10
CA ASN A 153 15.20 -1.52 18.89
C ASN A 153 15.87 -0.65 17.84
N GLU A 154 15.51 0.63 17.78
CA GLU A 154 16.19 1.54 16.85
C GLU A 154 17.56 1.93 17.37
N GLN A 155 17.75 2.00 18.68
CA GLN A 155 19.09 2.20 19.23
C GLN A 155 19.98 1.01 18.91
N ARG A 156 19.41 -0.20 18.90
CA ARG A 156 20.20 -1.37 18.50
C ARG A 156 20.54 -1.34 17.02
N GLN A 157 19.72 -0.67 16.21
CA GLN A 157 20.06 -0.47 14.80
C GLN A 157 21.26 0.46 14.66
N ASP A 158 21.39 1.45 15.55
CA ASP A 158 22.55 2.33 15.49
C ASP A 158 23.80 1.63 16.01
N ILE A 159 23.67 0.75 17.00
CA ILE A 159 24.82 0.01 17.50
C ILE A 159 25.35 -0.94 16.43
N ALA A 160 24.45 -1.62 15.71
CA ALA A 160 24.88 -2.48 14.62
C ALA A 160 25.60 -1.69 13.53
N PHE A 161 25.18 -0.45 13.30
CA PHE A 161 25.86 0.38 12.31
C PHE A 161 27.24 0.79 12.78
N ALA A 162 27.37 1.16 14.06
CA ALA A 162 28.66 1.58 14.59
C ALA A 162 29.62 0.40 14.72
N TYR A 163 29.10 -0.76 15.13
CA TYR A 163 29.96 -1.94 15.27
C TYR A 163 30.57 -2.35 13.93
N GLN A 164 29.79 -2.22 12.85
CA GLN A 164 30.32 -2.57 11.53
C GLN A 164 31.28 -1.50 11.01
N ARG A 165 31.10 -0.25 11.42
CA ARG A 165 31.99 0.82 10.98
C ARG A 165 33.33 0.81 11.71
N ARG A 166 33.44 0.07 12.81
CA ARG A 166 34.70 -0.03 13.53
C ARG A 166 35.44 -1.33 13.25
N THR A 167 34.77 -2.48 13.36
CA THR A 167 35.39 -3.77 13.20
C THR A 167 35.29 -4.32 11.78
N LYS A 168 34.62 -3.61 10.87
CA LYS A 168 34.41 -4.04 9.49
C LYS A 168 33.73 -5.40 9.40
N LYS A 169 33.01 -5.80 10.45
CA LYS A 169 32.25 -7.04 10.46
C LYS A 169 30.91 -6.80 11.14
N GLU A 170 29.90 -7.52 10.68
CA GLU A 170 28.54 -7.30 11.16
C GLU A 170 28.40 -7.68 12.62
N LEU A 171 27.51 -6.97 13.32
CA LEU A 171 27.27 -7.27 14.73
C LEU A 171 26.52 -8.58 14.89
N ALA A 172 25.56 -8.85 14.00
CA ALA A 172 24.85 -10.12 14.04
C ALA A 172 25.78 -11.28 13.71
N SER A 173 26.80 -11.05 12.89
CA SER A 173 27.75 -12.10 12.56
C SER A 173 28.64 -12.43 13.75
N ALA A 174 29.22 -11.41 14.39
CA ALA A 174 30.12 -11.64 15.51
C ALA A 174 29.39 -12.23 16.72
N LEU A 175 28.17 -11.76 16.97
CA LEU A 175 27.41 -12.30 18.10
C LEU A 175 26.93 -13.73 17.83
N LYS A 176 26.63 -14.05 16.57
CA LYS A 176 26.22 -15.42 16.24
C LYS A 176 27.37 -16.40 16.44
N SER A 177 28.61 -15.97 16.19
CA SER A 177 29.76 -16.83 16.40
C SER A 177 30.17 -16.92 17.87
N ALA A 178 29.77 -15.93 18.69
CA ALA A 178 30.17 -15.89 20.09
C ALA A 178 29.12 -16.45 21.04
N LEU A 179 27.85 -16.46 20.65
CA LEU A 179 26.78 -16.94 21.50
C LEU A 179 26.33 -18.33 21.06
N SER A 180 25.56 -18.98 21.92
CA SER A 180 25.07 -20.32 21.65
C SER A 180 23.84 -20.58 22.51
N GLY A 181 23.03 -21.53 22.06
CA GLY A 181 21.85 -21.92 22.81
C GLY A 181 20.69 -20.96 22.60
N HIS A 182 19.88 -20.82 23.65
CA HIS A 182 18.72 -19.94 23.58
C HIS A 182 19.11 -18.47 23.71
N LEU A 183 20.23 -18.18 24.38
CA LEU A 183 20.70 -16.80 24.48
C LEU A 183 21.00 -16.24 23.09
N GLU A 184 21.59 -17.04 22.22
CA GLU A 184 21.79 -16.62 20.84
C GLU A 184 20.47 -16.34 20.15
N THR A 185 19.48 -17.21 20.36
CA THR A 185 18.17 -17.02 19.74
C THR A 185 17.52 -15.72 20.17
N VAL A 186 17.77 -15.28 21.40
CA VAL A 186 17.18 -14.04 21.89
C VAL A 186 17.92 -12.82 21.36
N ILE A 187 19.24 -12.84 21.46
CA ILE A 187 20.04 -11.67 21.08
C ILE A 187 19.94 -11.40 19.59
N LEU A 188 20.01 -12.44 18.76
CA LEU A 188 19.87 -12.25 17.32
C LEU A 188 18.50 -11.71 16.96
N GLY A 189 17.46 -12.08 17.72
CA GLY A 189 16.14 -11.54 17.46
C GLY A 189 16.01 -10.07 17.87
N LEU A 190 16.74 -9.66 18.90
CA LEU A 190 16.68 -8.27 19.35
C LEU A 190 17.37 -7.32 18.38
N LEU A 191 18.20 -7.84 17.48
CA LEU A 191 18.95 -7.01 16.53
C LEU A 191 18.20 -6.77 15.23
N LYS A 192 17.01 -7.34 15.07
CA LYS A 192 16.22 -7.16 13.87
C LYS A 192 15.16 -6.09 14.09
N THR A 193 14.89 -5.30 13.05
CA THR A 193 13.74 -4.41 13.09
C THR A 193 12.48 -5.25 13.24
N PRO A 194 11.44 -4.71 13.89
CA PRO A 194 10.21 -5.50 14.11
C PRO A 194 9.65 -6.15 12.86
N ALA A 195 9.78 -5.50 11.70
CA ALA A 195 9.34 -6.14 10.46
C ALA A 195 10.25 -7.29 10.08
N GLN A 196 11.57 -7.10 10.23
CA GLN A 196 12.51 -8.15 9.87
C GLN A 196 12.37 -9.36 10.79
N TYR A 197 12.12 -9.13 12.07
CA TYR A 197 11.95 -10.25 13.00
C TYR A 197 10.69 -11.04 12.66
N ASP A 198 9.58 -10.33 12.42
CA ASP A 198 8.35 -11.01 12.04
C ASP A 198 8.50 -11.72 10.69
N ALA A 199 9.14 -11.07 9.72
CA ALA A 199 9.30 -11.67 8.41
C ALA A 199 10.15 -12.94 8.48
N SER A 200 11.15 -12.96 9.37
CA SER A 200 11.98 -14.15 9.51
C SER A 200 11.25 -15.25 10.27
N GLU A 201 10.52 -14.89 11.33
CA GLU A 201 9.77 -15.89 12.08
C GLU A 201 8.65 -16.51 11.25
N LEU A 202 8.10 -15.74 10.29
CA LEU A 202 7.07 -16.29 9.41
C LEU A 202 7.67 -17.30 8.44
N LYS A 203 8.76 -16.94 7.76
CA LYS A 203 9.42 -17.88 6.86
C LYS A 203 9.91 -19.11 7.62
N ALA A 204 10.38 -18.91 8.86
CA ALA A 204 10.85 -20.05 9.64
C ALA A 204 9.72 -21.03 9.94
N SER A 205 8.48 -20.54 10.03
CA SER A 205 7.35 -21.41 10.29
C SER A 205 6.83 -22.11 9.05
N MET A 206 7.27 -21.69 7.87
CA MET A 206 6.93 -22.34 6.60
C MET A 206 8.16 -23.03 6.01
N LYS A 207 8.97 -23.64 6.87
CA LYS A 207 10.23 -24.25 6.43
C LYS A 207 9.98 -25.40 5.46
N GLY A 208 8.97 -26.22 5.74
CA GLY A 208 8.67 -27.35 4.87
C GLY A 208 7.20 -27.71 4.85
N LEU A 209 6.88 -28.92 4.39
CA LEU A 209 5.49 -29.37 4.42
C LEU A 209 4.97 -29.48 5.85
N GLY A 210 5.86 -29.66 6.82
CA GLY A 210 5.50 -29.61 8.22
C GLY A 210 5.49 -28.19 8.73
N THR A 211 4.53 -27.40 8.28
CA THR A 211 4.43 -26.00 8.68
C THR A 211 4.11 -25.89 10.17
N ASP A 212 4.83 -24.99 10.84
CA ASP A 212 4.53 -24.65 12.24
C ASP A 212 3.32 -23.73 12.24
N GLU A 213 2.14 -24.35 12.13
CA GLU A 213 0.90 -23.58 11.99
C GLU A 213 0.63 -22.73 13.23
N ASP A 214 1.16 -23.12 14.39
CA ASP A 214 0.97 -22.31 15.60
C ASP A 214 1.65 -20.96 15.45
N SER A 215 2.93 -20.95 15.08
CA SER A 215 3.66 -19.69 14.93
C SER A 215 3.12 -18.86 13.77
N LEU A 216 2.64 -19.51 12.72
CA LEU A 216 2.04 -18.77 11.60
C LEU A 216 0.77 -18.06 12.04
N ILE A 217 -0.04 -18.70 12.88
CA ILE A 217 -1.28 -18.09 13.34
C ILE A 217 -0.99 -16.95 14.31
N GLU A 218 0.02 -17.13 15.17
CA GLU A 218 0.32 -16.11 16.18
C GLU A 218 0.70 -14.79 15.55
N ILE A 219 1.62 -14.81 14.58
CA ILE A 219 2.11 -13.58 13.98
C ILE A 219 1.02 -12.93 13.12
N ILE A 220 0.26 -13.74 12.38
CA ILE A 220 -0.71 -13.17 11.45
C ILE A 220 -1.92 -12.64 12.20
N CYS A 221 -2.40 -13.36 13.22
CA CYS A 221 -3.61 -12.97 13.93
C CYS A 221 -3.41 -11.84 14.93
N SER A 222 -2.16 -11.44 15.20
CA SER A 222 -1.92 -10.42 16.21
C SER A 222 -1.40 -9.10 15.65
N ARG A 223 -0.83 -9.10 14.45
CA ARG A 223 -0.25 -7.88 13.89
C ARG A 223 -1.34 -7.01 13.29
N THR A 224 -1.19 -5.69 13.45
CA THR A 224 -2.19 -4.73 12.99
C THR A 224 -2.03 -4.48 11.50
N ASN A 225 -2.78 -3.51 10.98
CA ASN A 225 -2.66 -3.16 9.56
C ASN A 225 -1.30 -2.58 9.25
N GLN A 226 -0.90 -1.53 9.98
CA GLN A 226 0.37 -0.87 9.71
C GLN A 226 1.56 -1.79 9.94
N GLU A 227 1.46 -2.71 10.91
CA GLU A 227 2.53 -3.66 11.14
C GLU A 227 2.63 -4.67 10.01
N LEU A 228 1.50 -5.09 9.46
CA LEU A 228 1.50 -6.08 8.39
C LEU A 228 1.89 -5.48 7.05
N GLN A 229 1.64 -4.19 6.84
CA GLN A 229 2.12 -3.54 5.63
C GLN A 229 3.65 -3.54 5.59
N GLU A 230 4.29 -3.28 6.73
CA GLU A 230 5.74 -3.30 6.80
C GLU A 230 6.27 -4.72 6.65
N ILE A 231 5.57 -5.70 7.21
CA ILE A 231 6.02 -7.09 7.13
C ILE A 231 6.02 -7.57 5.68
N ASN A 232 4.98 -7.23 4.93
CA ASN A 232 4.89 -7.68 3.54
C ASN A 232 6.00 -7.08 2.69
N ARG A 233 6.37 -5.83 2.93
CA ARG A 233 7.46 -5.20 2.18
C ARG A 233 8.79 -5.84 2.55
N VAL A 234 9.08 -5.92 3.84
CA VAL A 234 10.35 -6.48 4.30
C VAL A 234 10.47 -7.94 3.92
N TYR A 235 9.36 -8.68 3.92
CA TYR A 235 9.41 -10.10 3.58
C TYR A 235 9.84 -10.32 2.13
N LYS A 236 9.51 -9.40 1.23
CA LYS A 236 9.92 -9.56 -0.16
C LYS A 236 11.35 -9.10 -0.40
N GLU A 237 11.80 -8.07 0.32
CA GLU A 237 13.19 -7.63 0.19
C GLU A 237 14.15 -8.73 0.65
N MET A 238 13.75 -9.51 1.65
CA MET A 238 14.63 -10.51 2.23
C MET A 238 14.58 -11.85 1.50
N TYR A 239 13.42 -12.21 0.94
CA TYR A 239 13.24 -13.55 0.38
C TYR A 239 12.80 -13.54 -1.08
N LYS A 240 12.63 -12.37 -1.69
CA LYS A 240 12.35 -12.26 -3.12
C LYS A 240 11.09 -13.02 -3.53
N THR A 241 10.12 -13.10 -2.62
CA THR A 241 8.84 -13.73 -2.91
C THR A 241 7.80 -13.16 -1.96
N ASP A 242 6.59 -12.97 -2.47
CA ASP A 242 5.54 -12.35 -1.67
C ASP A 242 5.17 -13.23 -0.49
N LEU A 243 4.89 -12.59 0.65
CA LEU A 243 4.43 -13.33 1.83
C LEU A 243 3.18 -14.13 1.52
N GLU A 244 2.29 -13.57 0.70
CA GLU A 244 1.08 -14.29 0.33
C GLU A 244 1.40 -15.54 -0.47
N LYS A 245 2.43 -15.48 -1.30
CA LYS A 245 2.75 -16.64 -2.15
C LYS A 245 3.22 -17.82 -1.32
N ASP A 246 4.04 -17.58 -0.28
CA ASP A 246 4.48 -18.67 0.57
C ASP A 246 3.35 -19.20 1.42
N ILE A 247 2.41 -18.33 1.83
CA ILE A 247 1.25 -18.79 2.59
C ILE A 247 0.39 -19.71 1.73
N ILE A 248 0.17 -19.34 0.47
CA ILE A 248 -0.59 -20.19 -0.43
C ILE A 248 0.14 -21.51 -0.68
N SER A 249 1.47 -21.49 -0.66
CA SER A 249 2.24 -22.71 -0.91
C SER A 249 2.08 -23.70 0.23
N ASP A 250 2.17 -23.23 1.48
CA ASP A 250 2.23 -24.10 2.65
C ASP A 250 0.91 -24.15 3.43
N THR A 251 -0.19 -23.72 2.83
CA THR A 251 -1.51 -23.84 3.43
C THR A 251 -2.49 -24.37 2.39
N SER A 252 -3.70 -24.68 2.85
CA SER A 252 -4.74 -25.19 1.97
C SER A 252 -6.08 -25.06 2.68
N GLY A 253 -7.16 -25.16 1.89
CA GLY A 253 -8.49 -25.14 2.46
C GLY A 253 -8.87 -23.77 3.00
N ASP A 254 -9.87 -23.79 3.90
CA ASP A 254 -10.35 -22.55 4.48
C ASP A 254 -9.31 -21.90 5.38
N PHE A 255 -8.43 -22.70 5.99
CA PHE A 255 -7.33 -22.13 6.75
C PHE A 255 -6.43 -21.27 5.88
N ARG A 256 -6.27 -21.65 4.61
CA ARG A 256 -5.52 -20.82 3.68
C ARG A 256 -6.21 -19.49 3.44
N LYS A 257 -7.53 -19.51 3.19
CA LYS A 257 -8.27 -18.29 2.93
C LYS A 257 -8.24 -17.34 4.14
N LEU A 258 -8.25 -17.90 5.35
CA LEU A 258 -8.25 -17.07 6.54
C LEU A 258 -6.87 -16.46 6.80
N MET A 259 -5.81 -17.19 6.47
CA MET A 259 -4.46 -16.64 6.66
C MET A 259 -4.12 -15.62 5.59
N VAL A 260 -4.53 -15.87 4.34
CA VAL A 260 -4.26 -14.92 3.27
C VAL A 260 -5.02 -13.62 3.49
N ALA A 261 -6.29 -13.71 3.90
CA ALA A 261 -7.10 -12.52 4.08
C ALA A 261 -6.56 -11.64 5.20
N LEU A 262 -6.11 -12.25 6.30
CA LEU A 262 -5.57 -11.47 7.42
C LEU A 262 -4.22 -10.87 7.07
N ALA A 263 -3.41 -11.56 6.27
CA ALA A 263 -2.05 -11.08 5.97
C ALA A 263 -2.04 -9.86 5.07
N LYS A 264 -3.11 -9.63 4.30
CA LYS A 264 -3.16 -8.47 3.42
C LYS A 264 -3.11 -7.15 4.19
N GLY A 265 -3.51 -7.16 5.46
CA GLY A 265 -3.46 -5.95 6.26
C GLY A 265 -4.40 -4.85 5.80
N ARG A 266 -5.51 -5.22 5.17
CA ARG A 266 -6.48 -4.27 4.62
C ARG A 266 -7.74 -4.20 5.47
N ARG A 267 -7.63 -4.47 6.77
CA ARG A 267 -8.77 -4.35 7.66
C ARG A 267 -9.25 -2.90 7.72
N ALA A 268 -10.56 -2.72 7.75
CA ALA A 268 -11.13 -1.37 7.81
C ALA A 268 -10.66 -0.67 9.08
N GLU A 269 -10.15 0.55 8.91
CA GLU A 269 -9.60 1.30 10.03
C GLU A 269 -10.71 1.66 11.02
N ASP A 270 -10.29 1.94 12.25
CA ASP A 270 -11.24 2.21 13.32
C ASP A 270 -12.06 3.46 13.00
N GLY A 271 -13.38 3.30 12.98
CA GLY A 271 -14.25 4.40 12.67
C GLY A 271 -14.51 5.30 13.87
N SER A 272 -14.90 6.54 13.58
CA SER A 272 -15.21 7.51 14.62
C SER A 272 -16.65 7.44 15.07
N VAL A 273 -17.55 6.94 14.21
CA VAL A 273 -18.95 6.76 14.56
C VAL A 273 -19.20 5.26 14.75
N ILE A 274 -19.92 4.92 15.82
CA ILE A 274 -20.22 3.53 16.13
C ILE A 274 -21.44 3.11 15.32
N ASP A 275 -21.29 2.04 14.53
CA ASP A 275 -22.35 1.58 13.63
C ASP A 275 -23.16 0.50 14.36
N TYR A 276 -24.13 0.97 15.16
CA TYR A 276 -24.91 0.07 15.99
C TYR A 276 -25.74 -0.90 15.15
N GLU A 277 -26.21 -0.48 13.98
CA GLU A 277 -27.02 -1.37 13.16
C GLU A 277 -26.16 -2.47 12.54
N LEU A 278 -24.91 -2.13 12.15
CA LEU A 278 -24.02 -3.13 11.59
C LEU A 278 -23.50 -4.08 12.66
N ILE A 279 -23.37 -3.60 13.90
CA ILE A 279 -22.97 -4.47 15.01
C ILE A 279 -24.01 -5.57 15.20
N ASP A 280 -25.29 -5.22 15.09
CA ASP A 280 -26.34 -6.23 15.23
C ASP A 280 -26.39 -7.15 14.03
N GLN A 281 -26.27 -6.59 12.82
CA GLN A 281 -26.37 -7.42 11.62
C GLN A 281 -25.18 -8.36 11.49
N ASP A 282 -23.97 -7.88 11.84
CA ASP A 282 -22.81 -8.77 11.87
C ASP A 282 -22.98 -9.86 12.91
N ALA A 283 -23.59 -9.53 14.05
CA ALA A 283 -23.82 -10.53 15.09
C ALA A 283 -24.78 -11.61 14.62
N ARG A 284 -25.87 -11.22 13.94
CA ARG A 284 -26.81 -12.21 13.43
C ARG A 284 -26.19 -13.04 12.31
N ASP A 285 -25.39 -12.40 11.44
CA ASP A 285 -24.78 -13.13 10.34
C ASP A 285 -23.76 -14.16 10.82
N LEU A 286 -23.09 -13.88 11.94
CA LEU A 286 -22.22 -14.88 12.54
C LEU A 286 -23.03 -16.03 13.12
N TYR A 287 -24.20 -15.72 13.70
CA TYR A 287 -25.04 -16.75 14.28
C TYR A 287 -25.70 -17.59 13.21
N ASP A 288 -26.17 -16.96 12.13
CA ASP A 288 -26.81 -17.71 11.05
C ASP A 288 -25.81 -18.60 10.33
N ALA A 289 -24.54 -18.20 10.26
CA ALA A 289 -23.54 -18.99 9.55
C ALA A 289 -23.09 -20.21 10.35
N GLY A 290 -23.17 -20.14 11.67
CA GLY A 290 -22.65 -21.19 12.53
C GLY A 290 -23.68 -21.99 13.29
N VAL A 291 -23.88 -21.61 14.56
CA VAL A 291 -24.62 -22.44 15.50
C VAL A 291 -26.03 -22.75 15.01
N LYS A 292 -26.69 -21.77 14.38
CA LYS A 292 -28.10 -21.95 14.04
C LYS A 292 -28.31 -23.01 12.95
N ARG A 293 -27.37 -23.13 12.02
CA ARG A 293 -27.51 -24.06 10.90
C ARG A 293 -26.64 -25.28 11.09
N LYS A 294 -26.98 -26.33 10.36
CA LYS A 294 -26.12 -27.50 10.27
C LYS A 294 -24.89 -27.16 9.43
N GLY A 295 -23.72 -27.52 9.93
CA GLY A 295 -22.49 -27.13 9.27
C GLY A 295 -22.15 -25.67 9.59
N THR A 296 -21.27 -25.11 8.76
CA THR A 296 -20.78 -23.76 9.00
C THR A 296 -20.53 -23.07 7.66
N ASP A 297 -20.94 -21.81 7.57
CA ASP A 297 -20.61 -20.98 6.41
C ASP A 297 -19.32 -20.24 6.73
N VAL A 298 -18.21 -20.95 6.50
CA VAL A 298 -16.89 -20.40 6.87
C VAL A 298 -16.59 -19.09 6.15
N PRO A 299 -16.82 -18.94 4.84
CA PRO A 299 -16.52 -17.65 4.19
C PRO A 299 -17.18 -16.45 4.85
N LYS A 300 -18.42 -16.60 5.34
CA LYS A 300 -19.08 -15.49 6.03
C LYS A 300 -18.38 -15.16 7.34
N TRP A 301 -17.80 -16.16 8.01
CA TRP A 301 -17.02 -15.88 9.21
C TRP A 301 -15.73 -15.16 8.87
N ILE A 302 -15.06 -15.58 7.80
CA ILE A 302 -13.79 -14.97 7.42
C ILE A 302 -14.01 -13.53 6.96
N SER A 303 -15.10 -13.29 6.22
CA SER A 303 -15.37 -11.94 5.73
C SER A 303 -15.61 -10.97 6.88
N ILE A 304 -16.44 -11.34 7.84
CA ILE A 304 -16.80 -10.43 8.91
C ILE A 304 -15.63 -10.23 9.86
N MET A 305 -14.94 -11.31 10.24
CA MET A 305 -13.90 -11.22 11.26
C MET A 305 -12.60 -10.63 10.75
N THR A 306 -12.41 -10.48 9.44
CA THR A 306 -11.18 -9.91 8.90
C THR A 306 -11.35 -8.51 8.33
N GLU A 307 -12.57 -8.09 8.01
CA GLU A 307 -12.80 -6.81 7.36
C GLU A 307 -13.28 -5.72 8.31
N ARG A 308 -14.08 -6.07 9.31
CA ARG A 308 -14.57 -5.07 10.26
C ARG A 308 -13.44 -4.61 11.17
N SER A 309 -13.57 -3.39 11.68
CA SER A 309 -12.57 -2.87 12.59
C SER A 309 -12.61 -3.61 13.93
N VAL A 310 -11.50 -3.53 14.66
CA VAL A 310 -11.35 -4.24 15.93
C VAL A 310 -12.33 -3.69 16.96
N PRO A 311 -12.47 -2.38 17.15
CA PRO A 311 -13.52 -1.90 18.06
C PRO A 311 -14.91 -2.34 17.66
N HIS A 312 -15.15 -2.49 16.35
CA HIS A 312 -16.45 -2.95 15.87
C HIS A 312 -16.69 -4.41 16.24
N LEU A 313 -15.72 -5.27 15.94
CA LEU A 313 -15.88 -6.70 16.18
C LEU A 313 -16.00 -7.02 17.66
N GLN A 314 -15.34 -6.25 18.53
CA GLN A 314 -15.52 -6.42 19.96
C GLN A 314 -16.98 -6.23 20.34
N LYS A 315 -17.62 -5.19 19.79
CA LYS A 315 -19.05 -4.98 20.03
C LYS A 315 -19.89 -6.05 19.34
N VAL A 316 -19.43 -6.56 18.19
CA VAL A 316 -20.16 -7.62 17.50
C VAL A 316 -20.13 -8.90 18.33
N PHE A 317 -19.00 -9.20 18.97
CA PHE A 317 -18.90 -10.42 19.77
C PHE A 317 -19.74 -10.33 21.04
N ASP A 318 -19.86 -9.14 21.63
CA ASP A 318 -20.72 -8.98 22.79
C ASP A 318 -22.19 -9.08 22.40
N ARG A 319 -22.57 -8.44 21.28
CA ARG A 319 -23.93 -8.57 20.78
C ARG A 319 -24.24 -10.00 20.34
N TYR A 320 -23.21 -10.75 19.97
CA TYR A 320 -23.40 -12.13 19.52
C TYR A 320 -23.92 -13.01 20.65
N LYS A 321 -23.59 -12.68 21.90
CA LYS A 321 -24.10 -13.45 23.03
C LYS A 321 -25.60 -13.30 23.20
N SER A 322 -26.19 -12.24 22.64
CA SER A 322 -27.64 -12.04 22.76
C SER A 322 -28.41 -13.03 21.89
N TYR A 323 -27.85 -13.45 20.77
CA TYR A 323 -28.48 -14.39 19.86
C TYR A 323 -28.07 -15.84 20.10
N SER A 324 -26.78 -16.10 20.38
CA SER A 324 -26.30 -17.46 20.52
C SER A 324 -26.29 -17.88 21.99
N PRO A 325 -26.58 -19.15 22.25
CA PRO A 325 -26.42 -19.67 23.62
C PRO A 325 -24.97 -19.85 24.04
N TYR A 326 -24.03 -19.79 23.11
CA TYR A 326 -22.61 -19.89 23.40
C TYR A 326 -21.90 -18.69 22.81
N ASP A 327 -20.90 -18.17 23.53
CA ASP A 327 -20.19 -16.98 23.07
C ASP A 327 -19.34 -17.33 21.85
N MET A 328 -18.62 -16.32 21.35
CA MET A 328 -17.94 -16.48 20.07
C MET A 328 -16.84 -17.54 20.14
N LEU A 329 -16.08 -17.56 21.24
CA LEU A 329 -15.01 -18.55 21.36
C LEU A 329 -15.59 -19.97 21.45
N GLU A 330 -16.64 -20.16 22.25
CA GLU A 330 -17.24 -21.48 22.36
C GLU A 330 -17.90 -21.91 21.07
N SER A 331 -18.46 -20.96 20.31
CA SER A 331 -19.04 -21.30 19.01
C SER A 331 -17.98 -21.83 18.06
N ILE A 332 -16.77 -21.27 18.12
CA ILE A 332 -15.68 -21.73 17.26
C ILE A 332 -15.27 -23.15 17.64
N ARG A 333 -15.16 -23.44 18.93
CA ARG A 333 -14.69 -24.74 19.39
C ARG A 333 -15.63 -25.88 19.01
N LYS A 334 -16.80 -25.59 18.45
CA LYS A 334 -17.73 -26.63 18.03
C LYS A 334 -18.20 -26.52 16.59
N GLU A 335 -17.99 -25.39 15.92
CA GLU A 335 -18.35 -25.26 14.52
C GLU A 335 -17.24 -25.70 13.58
N VAL A 336 -15.98 -25.48 13.95
CA VAL A 336 -14.84 -25.82 13.11
C VAL A 336 -13.85 -26.63 13.94
N LYS A 337 -12.86 -27.20 13.25
CA LYS A 337 -11.85 -28.03 13.89
C LYS A 337 -10.51 -27.81 13.20
N GLY A 338 -9.45 -28.32 13.84
CA GLY A 338 -8.15 -28.36 13.20
C GLY A 338 -7.43 -27.01 13.21
N ASP A 339 -6.59 -26.81 12.19
CA ASP A 339 -5.84 -25.57 12.07
C ASP A 339 -6.78 -24.38 11.86
N LEU A 340 -7.93 -24.61 11.23
CA LEU A 340 -8.91 -23.54 11.07
C LEU A 340 -9.46 -23.10 12.42
N GLU A 341 -9.74 -24.06 13.30
CA GLU A 341 -10.23 -23.73 14.63
C GLU A 341 -9.19 -22.94 15.42
N ASN A 342 -7.94 -23.41 15.41
CA ASN A 342 -6.88 -22.70 16.11
C ASN A 342 -6.72 -21.27 15.61
N ALA A 343 -6.99 -21.05 14.31
CA ALA A 343 -6.88 -19.71 13.75
C ALA A 343 -7.98 -18.79 14.26
N PHE A 344 -9.23 -19.24 14.16
CA PHE A 344 -10.35 -18.42 14.63
C PHE A 344 -10.26 -18.17 16.13
N LEU A 345 -9.82 -19.17 16.89
CA LEU A 345 -9.67 -18.98 18.34
C LEU A 345 -8.64 -17.92 18.65
N ASN A 346 -7.50 -17.93 17.97
CA ASN A 346 -6.48 -16.92 18.20
C ASN A 346 -6.92 -15.55 17.71
N LEU A 347 -7.58 -15.50 16.55
CA LEU A 347 -8.02 -14.22 16.00
C LEU A 347 -8.99 -13.53 16.94
N VAL A 348 -9.97 -14.28 17.45
CA VAL A 348 -10.97 -13.68 18.33
C VAL A 348 -10.33 -13.21 19.64
N GLN A 349 -9.35 -13.97 20.14
CA GLN A 349 -8.68 -13.56 21.37
C GLN A 349 -7.87 -12.28 21.17
N CYS A 350 -7.25 -12.12 20.00
CA CYS A 350 -6.54 -10.89 19.70
C CYS A 350 -7.46 -9.71 19.52
N ILE A 351 -8.72 -9.95 19.18
CA ILE A 351 -9.68 -8.86 19.02
C ILE A 351 -10.25 -8.44 20.38
N GLN A 352 -10.66 -9.42 21.19
CA GLN A 352 -11.26 -9.11 22.48
C GLN A 352 -10.26 -8.47 23.43
N ASN A 353 -9.11 -9.12 23.62
CA ASN A 353 -8.08 -8.61 24.53
C ASN A 353 -6.74 -9.20 24.08
N LYS A 354 -5.95 -8.38 23.38
CA LYS A 354 -4.68 -8.83 22.82
C LYS A 354 -3.60 -9.01 23.89
N PRO A 355 -3.48 -8.12 24.89
CA PRO A 355 -2.54 -8.41 25.98
C PRO A 355 -2.84 -9.70 26.71
N LEU A 356 -4.12 -9.98 26.98
CA LEU A 356 -4.47 -11.26 27.61
C LEU A 356 -4.15 -12.44 26.72
N TYR A 357 -4.26 -12.25 25.39
CA TYR A 357 -3.92 -13.32 24.46
C TYR A 357 -2.46 -13.72 24.59
N PHE A 358 -1.56 -12.73 24.64
CA PHE A 358 -0.15 -13.04 24.78
C PHE A 358 0.19 -13.53 26.18
N ALA A 359 -0.61 -13.15 27.18
CA ALA A 359 -0.39 -13.68 28.52
C ALA A 359 -0.68 -15.17 28.59
N ASP A 360 -1.75 -15.61 27.93
CA ASP A 360 -2.06 -17.04 27.91
C ASP A 360 -0.99 -17.81 27.15
N ARG A 361 -0.52 -17.28 26.02
CA ARG A 361 0.49 -17.98 25.24
C ARG A 361 1.80 -18.09 25.99
N LEU A 362 2.13 -17.12 26.84
CA LEU A 362 3.31 -17.23 27.68
C LEU A 362 3.11 -18.29 28.76
N TYR A 363 1.93 -18.34 29.38
CA TYR A 363 1.64 -19.37 30.36
C TYR A 363 1.66 -20.75 29.73
N ASP A 364 1.11 -20.88 28.51
CA ASP A 364 1.10 -22.17 27.84
C ASP A 364 2.51 -22.63 27.50
N SER A 365 3.40 -21.71 27.15
CA SER A 365 4.77 -22.07 26.79
C SER A 365 5.62 -22.42 28.00
N MET A 366 5.09 -22.28 29.22
CA MET A 366 5.85 -22.57 30.43
C MET A 366 5.13 -23.46 31.43
N LYS A 367 3.83 -23.71 31.27
CA LYS A 367 3.09 -24.42 32.30
C LYS A 367 3.50 -25.89 32.37
N GLY A 368 3.78 -26.51 31.23
CA GLY A 368 4.05 -27.94 31.16
C GLY A 368 5.50 -28.29 31.39
N LYS A 369 5.85 -29.51 31.01
CA LYS A 369 7.23 -29.95 31.07
C LYS A 369 8.08 -29.22 30.03
N GLY A 370 9.27 -28.81 30.44
CA GLY A 370 10.11 -28.08 29.51
C GLY A 370 9.56 -26.69 29.23
N THR A 371 10.02 -26.13 28.11
CA THR A 371 9.64 -24.78 27.72
C THR A 371 9.49 -24.71 26.20
N ARG A 372 8.44 -24.04 25.74
CA ARG A 372 8.32 -23.69 24.33
C ARG A 372 9.13 -22.42 24.09
N ASP A 373 10.45 -22.58 24.14
CA ASP A 373 11.36 -21.43 24.04
C ASP A 373 11.10 -20.63 22.76
N LYS A 374 10.72 -21.30 21.68
CA LYS A 374 10.41 -20.60 20.43
C LYS A 374 9.29 -19.58 20.63
N VAL A 375 8.18 -20.01 21.23
CA VAL A 375 7.07 -19.10 21.47
C VAL A 375 7.43 -18.08 22.54
N LEU A 376 8.09 -18.53 23.61
CA LEU A 376 8.46 -17.63 24.70
C LEU A 376 9.38 -16.50 24.22
N ILE A 377 10.39 -16.86 23.42
CA ILE A 377 11.34 -15.85 22.96
C ILE A 377 10.68 -14.86 22.02
N ARG A 378 9.84 -15.34 21.11
CA ARG A 378 9.22 -14.45 20.12
C ARG A 378 8.29 -13.45 20.78
N ILE A 379 7.53 -13.88 21.78
CA ILE A 379 6.59 -12.98 22.44
C ILE A 379 7.34 -11.93 23.25
N MET A 380 8.42 -12.32 23.92
CA MET A 380 9.19 -11.35 24.70
C MET A 380 9.93 -10.37 23.79
N VAL A 381 10.42 -10.84 22.64
CA VAL A 381 11.13 -9.96 21.73
C VAL A 381 10.18 -9.01 21.03
N SER A 382 9.08 -9.55 20.47
CA SER A 382 8.21 -8.75 19.61
C SER A 382 7.36 -7.77 20.41
N ARG A 383 6.93 -8.14 21.62
CA ARG A 383 6.01 -7.32 22.40
C ARG A 383 6.71 -6.46 23.45
N SER A 384 8.05 -6.47 23.48
CA SER A 384 8.77 -5.73 24.51
C SER A 384 8.56 -4.23 24.39
N GLU A 385 8.38 -3.73 23.17
CA GLU A 385 8.22 -2.30 22.92
C GLU A 385 6.81 -1.93 22.46
N VAL A 386 5.83 -2.80 22.68
CA VAL A 386 4.47 -2.54 22.26
C VAL A 386 3.52 -2.51 23.44
N ASP A 387 3.28 -3.68 24.07
CA ASP A 387 2.31 -3.77 25.15
C ASP A 387 2.78 -4.65 26.30
N MET A 388 4.09 -4.78 26.51
CA MET A 388 4.59 -5.74 27.49
C MET A 388 4.06 -5.47 28.89
N LEU A 389 3.81 -4.20 29.23
CA LEU A 389 3.26 -3.89 30.56
C LEU A 389 1.85 -4.42 30.72
N LYS A 390 1.01 -4.27 29.69
CA LYS A 390 -0.33 -4.85 29.73
C LYS A 390 -0.29 -6.36 29.77
N ILE A 391 0.70 -6.98 29.12
CA ILE A 391 0.83 -8.43 29.18
C ILE A 391 1.13 -8.89 30.60
N ARG A 392 2.05 -8.20 31.27
CA ARG A 392 2.36 -8.52 32.66
C ARG A 392 1.14 -8.30 33.56
N SER A 393 0.38 -7.24 33.30
CA SER A 393 -0.75 -6.90 34.15
C SER A 393 -1.83 -7.98 34.08
N GLU A 394 -2.22 -8.38 32.88
CA GLU A 394 -3.21 -9.45 32.73
C GLU A 394 -2.70 -10.77 33.29
N PHE A 395 -1.38 -11.01 33.19
CA PHE A 395 -0.82 -12.28 33.64
C PHE A 395 -0.93 -12.41 35.16
N LYS A 396 -0.51 -11.38 35.90
CA LYS A 396 -0.56 -11.45 37.35
C LYS A 396 -1.99 -11.50 37.88
N ARG A 397 -2.92 -10.83 37.22
CA ARG A 397 -4.31 -10.85 37.65
C ARG A 397 -4.91 -12.25 37.50
N LYS A 398 -4.66 -12.90 36.36
CA LYS A 398 -5.26 -14.19 36.10
C LYS A 398 -4.54 -15.33 36.82
N TYR A 399 -3.21 -15.32 36.81
CA TYR A 399 -2.42 -16.44 37.29
C TYR A 399 -1.82 -16.22 38.68
N GLY A 400 -2.17 -15.13 39.35
CA GLY A 400 -1.71 -14.92 40.71
C GLY A 400 -0.29 -14.43 40.82
N LYS A 401 0.66 -15.23 40.33
CA LYS A 401 2.06 -14.84 40.30
C LYS A 401 2.35 -14.01 39.05
N SER A 402 3.52 -13.37 39.04
CA SER A 402 3.88 -12.49 37.94
C SER A 402 4.49 -13.28 36.79
N LEU A 403 4.52 -12.65 35.61
CA LEU A 403 5.22 -13.24 34.48
C LEU A 403 6.71 -13.38 34.77
N TYR A 404 7.28 -12.42 35.51
CA TYR A 404 8.66 -12.51 35.96
C TYR A 404 8.91 -13.84 36.68
N TYR A 405 7.98 -14.22 37.56
CA TYR A 405 8.15 -15.43 38.37
C TYR A 405 8.19 -16.68 37.49
N TYR A 406 7.26 -16.77 36.53
CA TYR A 406 7.22 -17.96 35.68
C TYR A 406 8.44 -18.07 34.78
N ILE A 407 8.99 -16.94 34.33
CA ILE A 407 10.23 -16.98 33.56
C ILE A 407 11.40 -17.39 34.45
N GLN A 408 11.37 -16.99 35.72
CA GLN A 408 12.45 -17.30 36.64
C GLN A 408 12.53 -18.80 36.92
N GLN A 409 11.38 -19.45 37.05
CA GLN A 409 11.33 -20.87 37.39
C GLN A 409 11.49 -21.78 36.19
N ASP A 410 11.38 -21.26 34.97
CA ASP A 410 11.41 -22.08 33.77
C ASP A 410 12.67 -21.91 32.94
N THR A 411 13.43 -20.83 33.16
CA THR A 411 14.64 -20.56 32.40
C THR A 411 15.78 -20.27 33.37
N LYS A 412 17.00 -20.51 32.91
CA LYS A 412 18.20 -20.34 33.75
C LYS A 412 19.26 -19.59 32.97
N GLY A 413 20.33 -19.23 33.69
CA GLY A 413 21.52 -18.65 33.09
C GLY A 413 21.31 -17.23 32.59
N ASP A 414 22.21 -16.81 31.70
CA ASP A 414 22.07 -15.52 31.03
C ASP A 414 20.85 -15.49 30.13
N TYR A 415 20.42 -16.64 29.63
CA TYR A 415 19.15 -16.71 28.90
C TYR A 415 17.99 -16.23 29.76
N GLN A 416 18.03 -16.53 31.06
CA GLN A 416 17.00 -16.04 31.97
C GLN A 416 17.12 -14.54 32.16
N LYS A 417 18.33 -14.05 32.42
CA LYS A 417 18.52 -12.62 32.65
C LYS A 417 18.11 -11.80 31.44
N ALA A 418 18.30 -12.32 30.23
CA ALA A 418 17.86 -11.62 29.03
C ALA A 418 16.34 -11.51 28.99
N LEU A 419 15.64 -12.60 29.32
CA LEU A 419 14.18 -12.58 29.30
C LEU A 419 13.63 -11.69 30.41
N LEU A 420 14.24 -11.73 31.60
CA LEU A 420 13.76 -10.92 32.71
C LEU A 420 13.93 -9.43 32.43
N TYR A 421 14.99 -9.06 31.71
CA TYR A 421 15.16 -7.66 31.32
C TYR A 421 14.08 -7.22 30.34
N LEU A 422 13.74 -8.07 29.37
CA LEU A 422 12.65 -7.76 28.46
C LEU A 422 11.31 -7.73 29.16
N CYS A 423 11.18 -8.51 30.24
CA CYS A 423 9.95 -8.45 31.04
C CYS A 423 9.89 -7.14 31.82
N GLY A 424 10.98 -6.78 32.49
CA GLY A 424 11.02 -5.54 33.24
C GLY A 424 10.64 -5.72 34.70
N GLY A 425 11.13 -4.81 35.53
CA GLY A 425 10.86 -4.83 36.94
C GLY A 425 11.70 -5.86 37.68
N ASP A 426 11.70 -5.74 39.01
CA ASP A 426 12.39 -6.67 39.88
C ASP A 426 11.44 -7.68 40.52
N ASP A 427 10.14 -7.44 40.44
CA ASP A 427 9.11 -8.34 40.97
C ASP A 427 9.25 -8.58 42.47
N SER B 110 0.05 -7.55 -31.81
CA SER B 110 -1.39 -7.68 -31.65
C SER B 110 -2.08 -7.96 -32.99
N ALA B 111 -2.81 -9.06 -33.06
CA ALA B 111 -3.47 -9.48 -34.29
C ALA B 111 -4.85 -8.87 -34.47
N TYR B 112 -5.31 -8.05 -33.52
CA TYR B 112 -6.63 -7.45 -33.61
C TYR B 112 -6.57 -5.93 -33.72
N GLY B 113 -5.39 -5.38 -34.05
CA GLY B 113 -5.29 -3.97 -34.35
C GLY B 113 -5.48 -3.68 -35.82
N SER B 114 -5.80 -2.42 -36.13
CA SER B 114 -6.03 -2.01 -37.50
C SER B 114 -4.83 -1.29 -38.12
N VAL B 115 -3.92 -0.77 -37.30
CA VAL B 115 -2.73 -0.10 -37.79
C VAL B 115 -1.58 -1.10 -37.63
N LYS B 116 -1.29 -1.83 -38.70
CA LYS B 116 -0.27 -2.86 -38.69
C LYS B 116 1.09 -2.24 -39.04
N ALA B 117 2.11 -3.10 -39.10
CA ALA B 117 3.47 -2.65 -39.39
C ALA B 117 3.66 -2.50 -40.89
N TYR B 118 3.98 -1.28 -41.32
CA TYR B 118 4.29 -1.02 -42.73
C TYR B 118 5.54 -1.80 -43.13
N THR B 119 5.41 -2.67 -44.12
CA THR B 119 6.49 -3.60 -44.46
C THR B 119 7.69 -2.87 -45.05
N ASN B 120 7.50 -2.20 -46.18
CA ASN B 120 8.59 -1.49 -46.86
C ASN B 120 8.90 -0.19 -46.13
N PHE B 121 9.36 -0.33 -44.89
CA PHE B 121 9.60 0.81 -44.01
C PHE B 121 11.02 1.32 -44.17
N ASP B 122 11.15 2.65 -44.19
CA ASP B 122 12.46 3.30 -44.27
C ASP B 122 12.35 4.60 -43.48
N ALA B 123 12.79 4.56 -42.21
CA ALA B 123 12.60 5.70 -41.32
C ALA B 123 13.30 6.95 -41.84
N GLU B 124 14.44 6.79 -42.52
CA GLU B 124 15.11 7.95 -43.11
C GLU B 124 14.32 8.50 -44.29
N ARG B 125 13.54 7.65 -44.97
CA ARG B 125 12.75 8.08 -46.11
C ARG B 125 11.48 8.80 -45.69
N ASP B 126 10.88 8.39 -44.57
CA ASP B 126 9.66 9.04 -44.10
C ASP B 126 9.95 10.32 -43.36
N ALA B 127 11.03 10.35 -42.57
CA ALA B 127 11.40 11.58 -41.88
C ALA B 127 11.76 12.69 -42.86
N LEU B 128 12.34 12.34 -44.01
CA LEU B 128 12.62 13.34 -45.04
C LEU B 128 11.33 13.85 -45.66
N ASN B 129 10.39 12.94 -45.99
CA ASN B 129 9.14 13.35 -46.60
C ASN B 129 8.32 14.23 -45.67
N ILE B 130 8.44 14.03 -44.36
CA ILE B 130 7.69 14.87 -43.41
C ILE B 130 8.31 16.26 -43.36
N GLU B 131 9.65 16.35 -43.36
CA GLU B 131 10.29 17.66 -43.43
C GLU B 131 9.92 18.40 -44.71
N THR B 132 9.87 17.68 -45.84
CA THR B 132 9.43 18.28 -47.09
C THR B 132 7.98 18.74 -47.00
N ALA B 133 7.15 17.98 -46.28
CA ALA B 133 5.74 18.34 -46.16
C ALA B 133 5.54 19.51 -45.20
N ILE B 134 6.32 19.57 -44.12
CA ILE B 134 6.20 20.68 -43.18
C ILE B 134 6.64 21.99 -43.84
N LYS B 135 7.82 21.98 -44.46
CA LYS B 135 8.39 23.18 -45.05
C LYS B 135 7.88 23.46 -46.46
N THR B 136 6.73 22.90 -46.81
CA THR B 136 6.05 23.23 -48.06
C THR B 136 5.10 24.40 -47.81
N LYS B 137 5.16 25.41 -48.66
CA LYS B 137 4.25 26.55 -48.55
C LYS B 137 2.80 26.05 -48.59
N GLY B 138 2.02 26.39 -47.56
CA GLY B 138 0.71 25.81 -47.40
C GLY B 138 0.85 24.36 -46.99
N VAL B 139 1.17 24.13 -45.71
CA VAL B 139 1.76 22.88 -45.23
C VAL B 139 1.01 21.66 -45.77
N ASP B 140 1.77 20.71 -46.33
CA ASP B 140 1.17 19.55 -46.97
C ASP B 140 0.64 18.57 -45.93
N GLU B 141 -0.59 18.79 -45.48
CA GLU B 141 -1.20 17.92 -44.48
C GLU B 141 -1.57 16.55 -45.02
N VAL B 142 -1.59 16.38 -46.34
CA VAL B 142 -2.01 15.11 -46.92
C VAL B 142 -0.95 14.04 -46.72
N THR B 143 0.31 14.37 -47.01
CA THR B 143 1.39 13.40 -46.85
C THR B 143 1.76 13.19 -45.39
N ILE B 144 1.60 14.21 -44.55
CA ILE B 144 1.86 14.03 -43.12
C ILE B 144 0.91 13.01 -42.53
N VAL B 145 -0.37 13.06 -42.94
CA VAL B 145 -1.34 12.08 -42.47
C VAL B 145 -1.10 10.73 -43.12
N ASN B 146 -0.82 10.72 -44.43
CA ASN B 146 -0.63 9.46 -45.15
C ASN B 146 0.47 8.63 -44.53
N ILE B 147 1.53 9.27 -44.04
CA ILE B 147 2.65 8.54 -43.45
C ILE B 147 2.31 8.10 -42.04
N LEU B 148 2.04 9.06 -41.16
CA LEU B 148 1.95 8.79 -39.72
C LEU B 148 0.73 7.96 -39.33
N THR B 149 -0.27 7.83 -40.20
CA THR B 149 -1.43 7.02 -39.87
C THR B 149 -1.33 5.58 -40.38
N ASN B 150 -0.37 5.29 -41.26
CA ASN B 150 -0.15 3.94 -41.76
C ASN B 150 1.16 3.34 -41.28
N ARG B 151 1.82 3.96 -40.29
CA ARG B 151 2.97 3.38 -39.63
C ARG B 151 2.58 2.98 -38.21
N SER B 152 3.18 1.90 -37.71
CA SER B 152 2.94 1.48 -36.35
C SER B 152 3.64 2.45 -35.37
N ASN B 153 3.22 2.38 -34.11
CA ASN B 153 3.76 3.30 -33.11
C ASN B 153 5.27 3.12 -32.95
N GLU B 154 5.75 1.87 -33.01
CA GLU B 154 7.19 1.65 -32.92
C GLU B 154 7.91 2.17 -34.15
N GLN B 155 7.24 2.19 -35.31
CA GLN B 155 7.85 2.78 -36.49
C GLN B 155 7.87 4.29 -36.42
N ARG B 156 6.92 4.89 -35.69
CA ARG B 156 6.95 6.34 -35.51
C ARG B 156 8.08 6.77 -34.58
N GLN B 157 8.40 5.94 -33.58
CA GLN B 157 9.52 6.25 -32.70
C GLN B 157 10.84 6.24 -33.47
N ASP B 158 10.97 5.36 -34.47
CA ASP B 158 12.13 5.42 -35.35
C ASP B 158 12.06 6.63 -36.27
N ILE B 159 10.86 7.02 -36.69
CA ILE B 159 10.70 8.22 -37.52
C ILE B 159 11.03 9.46 -36.71
N ALA B 160 10.47 9.58 -35.51
CA ALA B 160 10.79 10.71 -34.64
C ALA B 160 12.26 10.71 -34.26
N PHE B 161 12.91 9.55 -34.27
CA PHE B 161 14.34 9.48 -34.01
C PHE B 161 15.14 9.88 -35.25
N ALA B 162 14.78 9.33 -36.41
CA ALA B 162 15.48 9.67 -37.64
C ALA B 162 15.28 11.13 -38.04
N TYR B 163 14.12 11.71 -37.71
CA TYR B 163 13.87 13.11 -37.98
C TYR B 163 14.78 14.01 -37.15
N GLN B 164 15.29 13.53 -36.01
CA GLN B 164 16.20 14.31 -35.21
C GLN B 164 17.63 14.25 -35.74
N ARG B 165 18.03 13.11 -36.31
CA ARG B 165 19.36 12.99 -36.91
C ARG B 165 19.56 14.00 -38.02
N ARG B 166 18.53 14.23 -38.84
CA ARG B 166 18.58 15.11 -40.00
C ARG B 166 18.37 16.58 -39.65
N THR B 167 17.25 16.90 -39.00
CA THR B 167 16.88 18.29 -38.78
C THR B 167 17.57 18.89 -37.55
N LYS B 168 18.03 18.07 -36.62
CA LYS B 168 18.46 18.52 -35.30
C LYS B 168 17.35 19.33 -34.63
N LYS B 169 16.16 18.73 -34.61
CA LYS B 169 14.96 19.36 -34.12
C LYS B 169 13.95 18.26 -33.80
N GLU B 170 13.08 18.52 -32.82
CA GLU B 170 12.12 17.51 -32.39
C GLU B 170 10.94 17.46 -33.35
N LEU B 171 10.56 16.23 -33.75
CA LEU B 171 9.42 16.06 -34.64
C LEU B 171 8.11 16.46 -33.97
N ALA B 172 7.94 16.11 -32.70
CA ALA B 172 6.70 16.46 -32.02
C ALA B 172 6.54 17.95 -31.86
N SER B 173 7.66 18.69 -31.87
CA SER B 173 7.57 20.14 -31.75
C SER B 173 7.37 20.80 -33.11
N ALA B 174 7.93 20.21 -34.17
CA ALA B 174 7.76 20.79 -35.51
C ALA B 174 6.33 20.65 -36.00
N LEU B 175 5.74 19.47 -35.81
CA LEU B 175 4.35 19.25 -36.23
C LEU B 175 3.38 20.10 -35.40
N LYS B 176 3.71 20.38 -34.15
CA LYS B 176 2.87 21.25 -33.34
C LYS B 176 2.89 22.68 -33.87
N SER B 177 4.06 23.14 -34.33
CA SER B 177 4.18 24.46 -34.92
C SER B 177 3.77 24.50 -36.39
N ALA B 178 3.40 23.37 -36.97
CA ALA B 178 2.97 23.30 -38.35
C ALA B 178 1.52 22.88 -38.52
N LEU B 179 0.84 22.47 -37.45
CA LEU B 179 -0.54 22.01 -37.53
C LEU B 179 -1.36 22.71 -36.46
N SER B 180 -2.68 22.63 -36.62
CA SER B 180 -3.61 23.22 -35.66
C SER B 180 -4.90 22.40 -35.68
N GLY B 181 -5.92 22.89 -34.98
CA GLY B 181 -7.19 22.22 -34.91
C GLY B 181 -7.09 20.84 -34.29
N HIS B 182 -8.07 19.99 -34.62
CA HIS B 182 -8.05 18.62 -34.14
C HIS B 182 -6.96 17.79 -34.81
N LEU B 183 -6.51 18.21 -36.00
CA LEU B 183 -5.44 17.48 -36.68
C LEU B 183 -4.16 17.48 -35.85
N GLU B 184 -3.85 18.62 -35.22
CA GLU B 184 -2.68 18.67 -34.34
C GLU B 184 -2.83 17.70 -33.17
N THR B 185 -4.05 17.59 -32.63
CA THR B 185 -4.27 16.72 -31.48
C THR B 185 -4.14 15.25 -31.89
N VAL B 186 -4.64 14.89 -33.07
CA VAL B 186 -4.57 13.50 -33.52
C VAL B 186 -3.12 13.09 -33.76
N ILE B 187 -2.36 13.94 -34.46
CA ILE B 187 -1.00 13.58 -34.83
C ILE B 187 -0.09 13.54 -33.60
N LEU B 188 -0.19 14.56 -32.74
CA LEU B 188 0.67 14.62 -31.56
C LEU B 188 0.42 13.43 -30.63
N GLY B 189 -0.81 12.94 -30.58
CA GLY B 189 -1.09 11.73 -29.82
C GLY B 189 -0.50 10.47 -30.41
N LEU B 190 -0.26 10.45 -31.72
CA LEU B 190 0.32 9.28 -32.37
C LEU B 190 1.82 9.20 -32.21
N LEU B 191 2.50 10.33 -31.98
CA LEU B 191 3.95 10.32 -31.78
C LEU B 191 4.35 9.87 -30.39
N LYS B 192 3.42 9.79 -29.45
CA LYS B 192 3.69 9.26 -28.13
C LYS B 192 3.44 7.76 -28.12
N THR B 193 4.33 7.01 -27.47
CA THR B 193 4.11 5.60 -27.27
C THR B 193 2.83 5.38 -26.47
N PRO B 194 2.19 4.22 -26.61
CA PRO B 194 0.90 4.00 -25.92
C PRO B 194 0.93 4.31 -24.43
N ALA B 195 2.09 4.18 -23.79
CA ALA B 195 2.19 4.47 -22.36
C ALA B 195 2.15 5.97 -22.09
N GLN B 196 3.02 6.73 -22.76
CA GLN B 196 3.10 8.17 -22.48
C GLN B 196 1.88 8.91 -22.98
N TYR B 197 1.24 8.43 -24.05
CA TYR B 197 -0.02 9.06 -24.47
C TYR B 197 -1.12 8.79 -23.46
N ASP B 198 -1.18 7.57 -22.92
CA ASP B 198 -2.11 7.29 -21.82
C ASP B 198 -1.77 8.13 -20.60
N ALA B 199 -0.48 8.33 -20.34
CA ALA B 199 -0.06 9.12 -19.18
C ALA B 199 -0.37 10.60 -19.40
N SER B 200 -0.16 11.11 -20.62
CA SER B 200 -0.42 12.52 -20.88
C SER B 200 -1.91 12.82 -20.83
N GLU B 201 -2.74 11.90 -21.32
CA GLU B 201 -4.19 12.10 -21.24
C GLU B 201 -4.68 12.01 -19.80
N LEU B 202 -4.06 11.15 -18.98
CA LEU B 202 -4.40 11.09 -17.57
C LEU B 202 -4.08 12.42 -16.88
N LYS B 203 -2.90 12.97 -17.15
CA LYS B 203 -2.53 14.26 -16.56
C LYS B 203 -3.43 15.37 -17.09
N ALA B 204 -3.76 15.33 -18.37
CA ALA B 204 -4.67 16.32 -18.94
C ALA B 204 -6.07 16.21 -18.31
N SER B 205 -6.43 15.03 -17.83
CA SER B 205 -7.72 14.86 -17.17
C SER B 205 -7.69 15.27 -15.70
N MET B 206 -6.51 15.29 -15.08
CA MET B 206 -6.36 15.69 -13.68
C MET B 206 -5.80 17.09 -13.52
N LYS B 207 -5.44 17.77 -14.61
CA LYS B 207 -4.84 19.10 -14.54
C LYS B 207 -5.92 20.10 -14.17
N GLY B 208 -6.15 20.23 -12.86
CA GLY B 208 -7.19 21.08 -12.33
C GLY B 208 -8.00 20.39 -11.26
N LEU B 209 -9.32 20.39 -11.40
CA LEU B 209 -10.22 19.64 -10.53
C LEU B 209 -10.77 18.41 -11.24
N GLY B 210 -10.16 18.02 -12.34
CA GLY B 210 -10.68 16.97 -13.19
C GLY B 210 -11.76 17.49 -14.12
N THR B 211 -12.99 17.64 -13.60
CA THR B 211 -14.10 18.33 -14.26
C THR B 211 -14.50 17.65 -15.56
N ASP B 212 -13.74 16.64 -15.98
CA ASP B 212 -14.12 15.68 -17.02
C ASP B 212 -13.60 14.35 -16.52
N GLU B 213 -14.42 13.66 -15.72
CA GLU B 213 -13.96 12.45 -15.07
C GLU B 213 -14.03 11.23 -15.98
N ASP B 214 -14.78 11.33 -17.08
CA ASP B 214 -14.85 10.20 -18.03
C ASP B 214 -13.47 9.87 -18.58
N SER B 215 -12.68 10.90 -18.92
CA SER B 215 -11.32 10.65 -19.40
C SER B 215 -10.50 9.89 -18.36
N LEU B 216 -10.61 10.30 -17.10
CA LEU B 216 -9.95 9.56 -16.03
C LEU B 216 -10.57 8.17 -15.87
N ILE B 217 -11.89 8.07 -15.96
CA ILE B 217 -12.57 6.79 -15.81
C ILE B 217 -12.26 5.88 -17.01
N GLU B 218 -12.28 6.44 -18.22
CA GLU B 218 -12.09 5.62 -19.42
C GLU B 218 -10.72 4.94 -19.41
N ILE B 219 -9.67 5.68 -19.04
CA ILE B 219 -8.33 5.12 -19.07
C ILE B 219 -8.12 4.11 -17.96
N ILE B 220 -8.50 4.48 -16.73
CA ILE B 220 -8.20 3.64 -15.57
C ILE B 220 -8.97 2.32 -15.64
N CYS B 221 -10.20 2.36 -16.15
CA CYS B 221 -11.05 1.17 -16.15
C CYS B 221 -10.70 0.18 -17.26
N SER B 222 -10.09 0.64 -18.35
CA SER B 222 -9.92 -0.18 -19.54
C SER B 222 -8.51 -0.72 -19.72
N ARG B 223 -7.58 -0.38 -18.84
CA ARG B 223 -6.19 -0.79 -19.01
C ARG B 223 -5.90 -2.08 -18.23
N THR B 224 -5.06 -2.92 -18.82
CA THR B 224 -4.74 -4.23 -18.26
C THR B 224 -3.60 -4.10 -17.24
N ASN B 225 -3.08 -5.24 -16.79
CA ASN B 225 -1.96 -5.22 -15.85
C ASN B 225 -0.67 -4.80 -16.54
N GLN B 226 -0.41 -5.36 -17.72
CA GLN B 226 0.81 -5.00 -18.45
C GLN B 226 0.78 -3.56 -18.92
N GLU B 227 -0.42 -3.00 -19.14
CA GLU B 227 -0.52 -1.62 -19.60
C GLU B 227 -0.36 -0.64 -18.45
N LEU B 228 -1.02 -0.91 -17.31
CA LEU B 228 -0.94 0.01 -16.18
C LEU B 228 0.42 -0.01 -15.51
N GLN B 229 1.09 -1.17 -15.50
CA GLN B 229 2.44 -1.22 -14.95
C GLN B 229 3.41 -0.33 -15.71
N GLU B 230 3.14 -0.11 -17.01
CA GLU B 230 3.94 0.80 -17.82
C GLU B 230 3.48 2.24 -17.71
N ILE B 231 2.17 2.46 -17.56
CA ILE B 231 1.66 3.81 -17.41
C ILE B 231 2.19 4.45 -16.13
N ASN B 232 2.34 3.66 -15.08
CA ASN B 232 2.83 4.19 -13.81
C ASN B 232 4.29 4.62 -13.91
N ARG B 233 5.12 3.84 -14.61
CA ARG B 233 6.54 4.16 -14.69
C ARG B 233 6.80 5.33 -15.63
N VAL B 234 5.99 5.50 -16.68
CA VAL B 234 6.18 6.63 -17.59
C VAL B 234 5.62 7.90 -16.97
N TYR B 235 4.56 7.78 -16.16
CA TYR B 235 4.07 8.94 -15.43
C TYR B 235 5.09 9.45 -14.42
N LYS B 236 5.97 8.56 -13.94
CA LYS B 236 7.02 8.97 -13.02
C LYS B 236 8.19 9.63 -13.75
N GLU B 237 8.57 9.08 -14.92
CA GLU B 237 9.64 9.69 -15.69
C GLU B 237 9.25 11.09 -16.18
N MET B 238 8.05 11.22 -16.74
CA MET B 238 7.65 12.48 -17.35
C MET B 238 7.35 13.54 -16.30
N TYR B 239 6.37 13.28 -15.43
CA TYR B 239 5.83 14.30 -14.55
C TYR B 239 6.48 14.31 -13.17
N LYS B 240 7.53 13.50 -12.96
CA LYS B 240 8.42 13.52 -11.81
C LYS B 240 7.73 13.15 -10.50
N THR B 241 6.44 12.82 -10.51
CA THR B 241 5.75 12.33 -9.33
C THR B 241 5.09 10.99 -9.66
N ASP B 242 4.39 10.43 -8.69
CA ASP B 242 3.75 9.14 -8.86
C ASP B 242 2.30 9.30 -9.29
N LEU B 243 1.82 8.34 -10.09
CA LEU B 243 0.43 8.38 -10.54
C LEU B 243 -0.54 8.22 -9.37
N GLU B 244 -0.21 7.37 -8.41
CA GLU B 244 -1.07 7.18 -7.25
C GLU B 244 -1.16 8.44 -6.40
N LYS B 245 -0.08 9.22 -6.33
CA LYS B 245 -0.11 10.41 -5.49
C LYS B 245 -0.97 11.51 -6.10
N ASP B 246 -0.94 11.65 -7.42
CA ASP B 246 -1.74 12.70 -8.07
C ASP B 246 -3.22 12.34 -8.09
N ILE B 247 -3.56 11.06 -8.20
CA ILE B 247 -4.98 10.69 -8.19
C ILE B 247 -5.56 10.82 -6.78
N ILE B 248 -4.76 10.55 -5.75
CA ILE B 248 -5.24 10.70 -4.38
C ILE B 248 -5.50 12.16 -4.06
N SER B 249 -4.67 13.06 -4.62
CA SER B 249 -4.80 14.48 -4.32
C SER B 249 -6.07 15.06 -4.94
N ASP B 250 -6.28 14.83 -6.23
CA ASP B 250 -7.39 15.46 -6.94
C ASP B 250 -8.71 14.71 -6.80
N THR B 251 -8.72 13.57 -6.12
CA THR B 251 -9.96 12.83 -5.85
C THR B 251 -10.12 12.63 -4.35
N SER B 252 -11.30 12.16 -3.97
CA SER B 252 -11.62 11.97 -2.56
C SER B 252 -12.75 10.95 -2.45
N GLY B 253 -12.86 10.35 -1.26
CA GLY B 253 -13.91 9.40 -0.99
C GLY B 253 -13.62 8.02 -1.56
N ASP B 254 -14.70 7.22 -1.67
CA ASP B 254 -14.57 5.90 -2.28
C ASP B 254 -14.18 5.99 -3.74
N PHE B 255 -14.51 7.11 -4.39
CA PHE B 255 -14.09 7.31 -5.77
C PHE B 255 -12.58 7.29 -5.89
N ARG B 256 -11.88 7.83 -4.89
CA ARG B 256 -10.42 7.77 -4.88
C ARG B 256 -9.93 6.36 -4.58
N LYS B 257 -10.61 5.66 -3.66
CA LYS B 257 -10.18 4.31 -3.30
C LYS B 257 -10.36 3.34 -4.46
N LEU B 258 -11.42 3.53 -5.26
CA LEU B 258 -11.61 2.69 -6.44
C LEU B 258 -10.55 2.96 -7.50
N MET B 259 -10.24 4.24 -7.73
CA MET B 259 -9.26 4.59 -8.76
C MET B 259 -7.86 4.14 -8.37
N VAL B 260 -7.53 4.21 -7.08
CA VAL B 260 -6.20 3.81 -6.64
C VAL B 260 -6.04 2.29 -6.76
N ALA B 261 -7.08 1.53 -6.38
CA ALA B 261 -7.01 0.09 -6.50
C ALA B 261 -6.85 -0.35 -7.95
N LEU B 262 -7.54 0.33 -8.87
CA LEU B 262 -7.39 0.02 -10.29
C LEU B 262 -6.08 0.55 -10.86
N ALA B 263 -5.58 1.67 -10.35
CA ALA B 263 -4.35 2.24 -10.86
C ALA B 263 -3.14 1.38 -10.53
N LYS B 264 -3.20 0.62 -9.43
CA LYS B 264 -2.09 -0.25 -9.07
C LYS B 264 -1.89 -1.36 -10.11
N GLY B 265 -2.95 -1.78 -10.77
CA GLY B 265 -2.83 -2.76 -11.85
C GLY B 265 -2.29 -4.09 -11.40
N ARG B 266 -2.65 -4.54 -10.20
CA ARG B 266 -2.21 -5.82 -9.66
C ARG B 266 -3.36 -6.81 -9.51
N ARG B 267 -4.33 -6.73 -10.43
CA ARG B 267 -5.35 -7.76 -10.53
C ARG B 267 -4.70 -9.12 -10.76
N ALA B 268 -5.29 -10.15 -10.17
CA ALA B 268 -4.71 -11.49 -10.29
C ALA B 268 -4.68 -11.93 -11.75
N GLU B 269 -3.65 -12.70 -12.10
CA GLU B 269 -3.48 -13.17 -13.46
C GLU B 269 -4.60 -14.14 -13.84
N ASP B 270 -4.65 -14.47 -15.12
CA ASP B 270 -5.64 -15.44 -15.62
C ASP B 270 -5.30 -16.81 -15.08
N GLY B 271 -6.11 -17.29 -14.11
CA GLY B 271 -5.87 -18.58 -13.51
C GLY B 271 -6.02 -19.71 -14.50
N SER B 272 -5.44 -20.86 -14.14
CA SER B 272 -5.50 -22.04 -15.00
C SER B 272 -6.82 -22.79 -14.85
N VAL B 273 -7.40 -22.80 -13.65
CA VAL B 273 -8.61 -23.56 -13.37
C VAL B 273 -9.76 -22.60 -13.14
N ILE B 274 -10.96 -23.01 -13.58
CA ILE B 274 -12.17 -22.26 -13.32
C ILE B 274 -12.65 -22.65 -11.92
N ASP B 275 -12.50 -21.74 -10.96
CA ASP B 275 -12.84 -22.02 -9.57
C ASP B 275 -14.33 -21.77 -9.40
N TYR B 276 -15.13 -22.84 -9.56
CA TYR B 276 -16.58 -22.71 -9.54
C TYR B 276 -17.14 -22.47 -8.14
N GLU B 277 -16.31 -22.49 -7.11
CA GLU B 277 -16.80 -22.21 -5.76
C GLU B 277 -16.61 -20.75 -5.38
N LEU B 278 -15.48 -20.15 -5.76
CA LEU B 278 -15.28 -18.72 -5.50
C LEU B 278 -16.24 -17.86 -6.32
N ILE B 279 -16.62 -18.33 -7.52
CA ILE B 279 -17.51 -17.53 -8.36
C ILE B 279 -18.90 -17.46 -7.75
N ASP B 280 -19.38 -18.58 -7.18
CA ASP B 280 -20.65 -18.53 -6.47
C ASP B 280 -20.53 -17.72 -5.19
N GLN B 281 -19.38 -17.80 -4.52
CA GLN B 281 -19.15 -17.02 -3.32
C GLN B 281 -19.13 -15.53 -3.64
N ASP B 282 -18.34 -15.14 -4.66
CA ASP B 282 -18.27 -13.73 -5.03
C ASP B 282 -19.62 -13.21 -5.51
N ALA B 283 -20.39 -14.04 -6.21
CA ALA B 283 -21.72 -13.63 -6.63
C ALA B 283 -22.67 -13.47 -5.44
N ARG B 284 -22.46 -14.24 -4.38
CA ARG B 284 -23.26 -14.06 -3.17
C ARG B 284 -22.91 -12.76 -2.46
N ASP B 285 -21.61 -12.46 -2.34
CA ASP B 285 -21.19 -11.25 -1.65
C ASP B 285 -21.66 -10.00 -2.39
N LEU B 286 -21.67 -10.05 -3.72
CA LEU B 286 -22.17 -8.92 -4.50
C LEU B 286 -23.66 -8.68 -4.28
N TYR B 287 -24.37 -9.64 -3.70
CA TYR B 287 -25.76 -9.48 -3.33
C TYR B 287 -25.90 -8.98 -1.89
N ASP B 288 -25.21 -9.64 -0.95
CA ASP B 288 -25.28 -9.24 0.44
C ASP B 288 -24.69 -7.86 0.69
N ALA B 289 -23.93 -7.33 -0.26
CA ALA B 289 -23.34 -6.00 -0.14
C ALA B 289 -24.06 -4.95 -0.98
N GLY B 290 -24.94 -5.37 -1.89
CA GLY B 290 -25.57 -4.44 -2.81
C GLY B 290 -27.03 -4.15 -2.50
N VAL B 291 -27.93 -4.81 -3.23
CA VAL B 291 -29.36 -4.52 -3.10
C VAL B 291 -29.97 -5.20 -1.88
N LYS B 292 -29.43 -6.36 -1.47
CA LYS B 292 -29.94 -7.03 -0.27
C LYS B 292 -29.70 -6.19 0.97
N ARG B 293 -28.50 -5.63 1.12
CA ARG B 293 -28.20 -4.74 2.21
C ARG B 293 -28.70 -3.34 1.90
N LYS B 294 -29.36 -2.72 2.89
CA LYS B 294 -29.81 -1.34 2.74
C LYS B 294 -28.60 -0.44 2.90
N GLY B 295 -28.17 0.16 1.80
CA GLY B 295 -26.90 0.85 1.74
C GLY B 295 -25.96 0.12 0.80
N THR B 296 -24.66 0.18 1.07
CA THR B 296 -23.69 -0.52 0.23
C THR B 296 -22.42 -0.77 1.02
N ASP B 297 -21.97 -2.02 1.03
CA ASP B 297 -20.64 -2.35 1.53
C ASP B 297 -19.66 -2.00 0.40
N VAL B 298 -19.37 -0.71 0.31
CA VAL B 298 -18.58 -0.20 -0.83
C VAL B 298 -17.20 -0.84 -0.92
N PRO B 299 -16.38 -0.90 0.15
CA PRO B 299 -15.07 -1.55 0.02
C PRO B 299 -15.16 -3.01 -0.39
N LYS B 300 -16.26 -3.69 -0.06
CA LYS B 300 -16.44 -5.07 -0.50
C LYS B 300 -16.61 -5.14 -2.01
N TRP B 301 -17.34 -4.18 -2.59
CA TRP B 301 -17.50 -4.14 -4.04
C TRP B 301 -16.18 -3.84 -4.74
N ILE B 302 -15.45 -2.84 -4.25
CA ILE B 302 -14.18 -2.46 -4.86
C ILE B 302 -13.18 -3.62 -4.78
N SER B 303 -13.20 -4.35 -3.66
CA SER B 303 -12.21 -5.41 -3.45
C SER B 303 -12.36 -6.52 -4.49
N ILE B 304 -13.60 -6.94 -4.76
CA ILE B 304 -13.81 -8.09 -5.64
C ILE B 304 -13.72 -7.75 -7.11
N MET B 305 -13.96 -6.49 -7.48
CA MET B 305 -13.89 -6.05 -8.88
C MET B 305 -12.52 -5.54 -9.26
N THR B 306 -11.52 -5.71 -8.41
CA THR B 306 -10.17 -5.23 -8.68
C THR B 306 -9.08 -6.30 -8.56
N GLU B 307 -9.33 -7.39 -7.84
CA GLU B 307 -8.33 -8.44 -7.70
C GLU B 307 -8.71 -9.75 -8.39
N ARG B 308 -9.99 -9.96 -8.69
CA ARG B 308 -10.40 -11.16 -9.42
C ARG B 308 -10.08 -11.02 -10.89
N SER B 309 -9.63 -12.11 -11.50
CA SER B 309 -9.27 -12.09 -12.91
C SER B 309 -10.48 -11.74 -13.76
N VAL B 310 -10.21 -11.20 -14.95
CA VAL B 310 -11.30 -10.76 -15.83
C VAL B 310 -12.19 -11.91 -16.26
N PRO B 311 -11.67 -13.09 -16.67
CA PRO B 311 -12.58 -14.21 -16.97
C PRO B 311 -13.40 -14.66 -15.78
N HIS B 312 -12.86 -14.53 -14.56
CA HIS B 312 -13.62 -14.90 -13.37
C HIS B 312 -14.80 -13.97 -13.16
N LEU B 313 -14.62 -12.67 -13.40
CA LEU B 313 -15.69 -11.72 -13.18
C LEU B 313 -16.77 -11.81 -14.26
N GLN B 314 -16.38 -12.14 -15.50
CA GLN B 314 -17.36 -12.29 -16.56
C GLN B 314 -18.40 -13.35 -16.19
N LYS B 315 -17.95 -14.49 -15.67
CA LYS B 315 -18.87 -15.53 -15.24
C LYS B 315 -19.56 -15.17 -13.92
N VAL B 316 -18.95 -14.30 -13.11
CA VAL B 316 -19.59 -13.86 -11.87
C VAL B 316 -20.87 -13.11 -12.17
N PHE B 317 -20.81 -12.18 -13.13
CA PHE B 317 -21.98 -11.37 -13.46
C PHE B 317 -23.07 -12.19 -14.14
N ASP B 318 -22.68 -13.23 -14.88
CA ASP B 318 -23.69 -14.15 -15.43
C ASP B 318 -24.23 -15.07 -14.34
N ARG B 319 -23.45 -15.34 -13.29
CA ARG B 319 -23.96 -16.05 -12.13
C ARG B 319 -24.73 -15.11 -11.21
N TYR B 320 -24.36 -13.83 -11.18
CA TYR B 320 -25.10 -12.86 -10.38
C TYR B 320 -26.52 -12.68 -10.92
N LYS B 321 -26.74 -12.96 -12.21
CA LYS B 321 -28.07 -12.84 -12.79
C LYS B 321 -29.09 -13.77 -12.13
N SER B 322 -28.61 -14.79 -11.41
CA SER B 322 -29.53 -15.73 -10.76
C SER B 322 -30.05 -15.19 -9.44
N TYR B 323 -29.19 -14.58 -8.63
CA TYR B 323 -29.60 -14.11 -7.31
C TYR B 323 -30.42 -12.83 -7.37
N SER B 324 -30.23 -12.00 -8.39
CA SER B 324 -30.87 -10.70 -8.44
C SER B 324 -31.77 -10.57 -9.67
N PRO B 325 -32.88 -9.84 -9.56
CA PRO B 325 -33.71 -9.55 -10.73
C PRO B 325 -33.16 -8.45 -11.63
N TYR B 326 -32.06 -7.81 -11.24
CA TYR B 326 -31.43 -6.77 -12.03
C TYR B 326 -29.99 -7.17 -12.29
N ASP B 327 -29.56 -7.08 -13.56
CA ASP B 327 -28.19 -7.43 -13.89
C ASP B 327 -27.21 -6.47 -13.21
N MET B 328 -25.92 -6.80 -13.33
CA MET B 328 -24.90 -6.04 -12.62
C MET B 328 -24.89 -4.57 -13.02
N LEU B 329 -25.30 -4.26 -14.26
CA LEU B 329 -25.36 -2.86 -14.66
C LEU B 329 -26.55 -2.14 -14.05
N GLU B 330 -27.73 -2.74 -14.13
CA GLU B 330 -28.92 -2.12 -13.52
C GLU B 330 -28.81 -2.09 -12.00
N SER B 331 -28.04 -3.01 -11.41
CA SER B 331 -27.80 -2.96 -9.98
C SER B 331 -26.86 -1.83 -9.58
N ILE B 332 -26.27 -1.14 -10.56
CA ILE B 332 -25.39 -0.01 -10.29
C ILE B 332 -26.14 1.32 -10.40
N ARG B 333 -27.06 1.42 -11.36
CA ARG B 333 -27.85 2.64 -11.50
C ARG B 333 -28.69 2.93 -10.27
N LYS B 334 -29.01 1.92 -9.47
CA LYS B 334 -29.87 2.10 -8.30
C LYS B 334 -29.09 2.27 -7.00
N GLU B 335 -28.01 1.52 -6.81
CA GLU B 335 -27.35 1.49 -5.52
C GLU B 335 -26.36 2.64 -5.33
N VAL B 336 -25.72 3.11 -6.41
CA VAL B 336 -24.71 4.15 -6.32
C VAL B 336 -25.03 5.25 -7.33
N LYS B 337 -24.37 6.40 -7.15
CA LYS B 337 -24.55 7.56 -8.02
C LYS B 337 -23.22 8.29 -8.16
N GLY B 338 -23.21 9.30 -9.02
CA GLY B 338 -22.07 10.18 -9.15
C GLY B 338 -20.92 9.57 -9.93
N ASP B 339 -19.70 9.97 -9.55
CA ASP B 339 -18.50 9.42 -10.18
C ASP B 339 -18.42 7.91 -9.98
N LEU B 340 -18.85 7.43 -8.82
CA LEU B 340 -18.82 6.00 -8.55
C LEU B 340 -19.74 5.24 -9.51
N GLU B 341 -20.86 5.86 -9.89
CA GLU B 341 -21.77 5.21 -10.85
C GLU B 341 -21.12 5.10 -12.22
N ASN B 342 -20.59 6.21 -12.73
CA ASN B 342 -19.90 6.17 -14.03
C ASN B 342 -18.70 5.23 -13.98
N ALA B 343 -17.93 5.27 -12.89
CA ALA B 343 -16.76 4.39 -12.79
C ALA B 343 -17.18 2.94 -12.70
N PHE B 344 -18.30 2.65 -12.02
CA PHE B 344 -18.78 1.27 -11.93
C PHE B 344 -19.35 0.80 -13.27
N LEU B 345 -20.15 1.64 -13.92
CA LEU B 345 -20.71 1.27 -15.22
C LEU B 345 -19.62 1.05 -16.26
N ASN B 346 -18.58 1.89 -16.22
CA ASN B 346 -17.50 1.74 -17.19
C ASN B 346 -16.64 0.52 -16.88
N LEU B 347 -16.39 0.25 -15.60
CA LEU B 347 -15.54 -0.88 -15.23
C LEU B 347 -16.20 -2.20 -15.60
N VAL B 348 -17.50 -2.33 -15.38
CA VAL B 348 -18.17 -3.60 -15.67
C VAL B 348 -18.32 -3.81 -17.17
N GLN B 349 -18.37 -2.72 -17.95
CA GLN B 349 -18.44 -2.87 -19.41
C GLN B 349 -17.11 -3.33 -19.97
N CYS B 350 -16.00 -2.85 -19.42
CA CYS B 350 -14.68 -3.28 -19.86
C CYS B 350 -14.40 -4.74 -19.51
N ILE B 351 -15.16 -5.31 -18.58
CA ILE B 351 -15.00 -6.72 -18.21
C ILE B 351 -15.87 -7.61 -19.09
N GLN B 352 -17.15 -7.24 -19.26
CA GLN B 352 -18.05 -8.06 -20.05
C GLN B 352 -17.64 -8.07 -21.53
N ASN B 353 -17.49 -6.89 -22.12
CA ASN B 353 -17.03 -6.78 -23.50
C ASN B 353 -16.32 -5.43 -23.66
N LYS B 354 -14.99 -5.45 -23.61
CA LYS B 354 -14.18 -4.25 -23.73
C LYS B 354 -14.27 -3.65 -25.13
N PRO B 355 -14.24 -4.45 -26.22
CA PRO B 355 -14.47 -3.85 -27.54
C PRO B 355 -15.82 -3.17 -27.66
N LEU B 356 -16.88 -3.75 -27.09
CA LEU B 356 -18.19 -3.12 -27.11
C LEU B 356 -18.21 -1.85 -26.28
N TYR B 357 -17.36 -1.77 -25.25
CA TYR B 357 -17.27 -0.56 -24.44
C TYR B 357 -16.81 0.63 -25.27
N PHE B 358 -15.66 0.49 -25.93
CA PHE B 358 -15.18 1.55 -26.82
C PHE B 358 -16.07 1.70 -28.04
N ALA B 359 -16.85 0.67 -28.39
CA ALA B 359 -17.80 0.80 -29.49
C ALA B 359 -18.98 1.69 -29.10
N ASP B 360 -19.44 1.58 -27.84
CA ASP B 360 -20.52 2.43 -27.38
C ASP B 360 -20.04 3.85 -27.11
N ARG B 361 -18.86 4.00 -26.53
CA ARG B 361 -18.32 5.34 -26.29
C ARG B 361 -18.05 6.08 -27.60
N LEU B 362 -17.66 5.36 -28.64
CA LEU B 362 -17.51 5.99 -29.95
C LEU B 362 -18.85 6.43 -30.51
N TYR B 363 -19.88 5.60 -30.35
CA TYR B 363 -21.21 5.96 -30.83
C TYR B 363 -21.76 7.17 -30.08
N ASP B 364 -21.48 7.26 -28.77
CA ASP B 364 -21.97 8.40 -28.00
C ASP B 364 -21.30 9.69 -28.40
N SER B 365 -20.02 9.64 -28.79
CA SER B 365 -19.29 10.85 -29.15
C SER B 365 -19.74 11.45 -30.48
N MET B 366 -20.65 10.79 -31.20
CA MET B 366 -21.08 11.27 -32.51
C MET B 366 -22.59 11.22 -32.72
N LYS B 367 -23.36 10.59 -31.83
CA LYS B 367 -24.77 10.40 -32.11
C LYS B 367 -25.55 11.70 -32.03
N GLY B 368 -25.05 12.68 -31.27
CA GLY B 368 -25.74 13.93 -31.07
C GLY B 368 -25.21 15.05 -31.94
N LYS B 369 -25.60 16.27 -31.60
CA LYS B 369 -25.14 17.43 -32.32
C LYS B 369 -23.64 17.64 -32.08
N GLY B 370 -22.92 17.99 -33.16
CA GLY B 370 -21.50 18.18 -33.03
C GLY B 370 -20.78 16.88 -32.73
N THR B 371 -19.60 17.01 -32.15
CA THR B 371 -18.76 15.86 -31.84
C THR B 371 -18.02 16.12 -30.54
N ARG B 372 -17.96 15.09 -29.69
CA ARG B 372 -17.11 15.12 -28.50
C ARG B 372 -15.73 14.60 -28.91
N ASP B 373 -14.96 15.51 -29.49
CA ASP B 373 -13.72 15.13 -30.19
C ASP B 373 -12.68 14.55 -29.23
N LYS B 374 -12.65 15.03 -27.99
CA LYS B 374 -11.69 14.49 -27.02
C LYS B 374 -11.86 12.99 -26.85
N VAL B 375 -13.11 12.54 -26.75
CA VAL B 375 -13.37 11.10 -26.58
C VAL B 375 -13.06 10.35 -27.87
N LEU B 376 -13.51 10.89 -29.00
CA LEU B 376 -13.30 10.23 -30.29
C LEU B 376 -11.81 10.07 -30.59
N ILE B 377 -11.04 11.15 -30.41
CA ILE B 377 -9.60 11.09 -30.72
C ILE B 377 -8.88 10.17 -29.74
N ARG B 378 -9.22 10.25 -28.45
CA ARG B 378 -8.55 9.44 -27.45
C ARG B 378 -8.76 7.94 -27.70
N ILE B 379 -9.91 7.57 -28.27
CA ILE B 379 -10.20 6.15 -28.49
C ILE B 379 -9.56 5.67 -29.78
N MET B 380 -9.57 6.50 -30.82
CA MET B 380 -9.00 6.08 -32.11
C MET B 380 -7.49 5.89 -32.02
N VAL B 381 -6.81 6.74 -31.25
CA VAL B 381 -5.36 6.66 -31.14
C VAL B 381 -4.95 5.51 -30.22
N SER B 382 -5.57 5.43 -29.04
CA SER B 382 -5.14 4.46 -28.04
C SER B 382 -5.45 3.02 -28.44
N ARG B 383 -6.57 2.80 -29.13
CA ARG B 383 -7.02 1.46 -29.46
C ARG B 383 -6.71 1.06 -30.89
N SER B 384 -5.83 1.80 -31.57
CA SER B 384 -5.58 1.53 -32.98
C SER B 384 -4.81 0.24 -33.20
N GLU B 385 -3.98 -0.16 -32.24
CA GLU B 385 -3.11 -1.32 -32.40
C GLU B 385 -3.34 -2.40 -31.36
N VAL B 386 -4.51 -2.41 -30.72
CA VAL B 386 -4.79 -3.45 -29.72
C VAL B 386 -6.04 -4.24 -30.10
N ASP B 387 -7.19 -3.56 -30.20
CA ASP B 387 -8.45 -4.26 -30.46
C ASP B 387 -9.36 -3.49 -31.41
N MET B 388 -8.80 -2.67 -32.29
CA MET B 388 -9.62 -1.88 -33.20
C MET B 388 -10.41 -2.76 -34.16
N LEU B 389 -9.88 -3.94 -34.51
CA LEU B 389 -10.63 -4.85 -35.38
C LEU B 389 -11.83 -5.43 -34.66
N LYS B 390 -11.72 -5.66 -33.35
CA LYS B 390 -12.88 -6.13 -32.60
C LYS B 390 -13.90 -5.01 -32.39
N ILE B 391 -13.42 -3.77 -32.22
CA ILE B 391 -14.32 -2.64 -32.01
C ILE B 391 -15.22 -2.43 -33.23
N ARG B 392 -14.64 -2.53 -34.43
CA ARG B 392 -15.41 -2.32 -35.65
C ARG B 392 -16.44 -3.42 -35.87
N SER B 393 -16.13 -4.66 -35.48
CA SER B 393 -17.08 -5.75 -35.66
C SER B 393 -18.26 -5.59 -34.72
N GLU B 394 -18.02 -5.18 -33.47
CA GLU B 394 -19.11 -4.97 -32.53
C GLU B 394 -19.90 -3.71 -32.87
N PHE B 395 -19.24 -2.70 -33.46
CA PHE B 395 -19.95 -1.47 -33.80
C PHE B 395 -20.94 -1.71 -34.94
N LYS B 396 -20.52 -2.44 -35.98
CA LYS B 396 -21.43 -2.70 -37.09
C LYS B 396 -22.50 -3.72 -36.71
N ARG B 397 -22.17 -4.64 -35.80
CA ARG B 397 -23.15 -5.63 -35.37
C ARG B 397 -24.33 -4.97 -34.67
N LYS B 398 -24.06 -3.97 -33.83
CA LYS B 398 -25.10 -3.34 -33.03
C LYS B 398 -25.74 -2.16 -33.74
N TYR B 399 -24.95 -1.31 -34.40
CA TYR B 399 -25.45 -0.07 -34.98
C TYR B 399 -25.68 -0.16 -36.49
N GLY B 400 -25.62 -1.36 -37.07
CA GLY B 400 -25.95 -1.52 -38.47
C GLY B 400 -24.86 -1.09 -39.43
N LYS B 401 -24.52 0.19 -39.41
CA LYS B 401 -23.48 0.72 -40.27
C LYS B 401 -22.12 0.60 -39.60
N SER B 402 -21.06 0.89 -40.36
CA SER B 402 -19.71 0.71 -39.88
C SER B 402 -19.24 1.94 -39.09
N LEU B 403 -18.22 1.72 -38.26
CA LEU B 403 -17.56 2.83 -37.60
C LEU B 403 -16.94 3.79 -38.62
N TYR B 404 -16.47 3.25 -39.74
CA TYR B 404 -15.97 4.10 -40.82
C TYR B 404 -17.04 5.07 -41.32
N TYR B 405 -18.30 4.64 -41.29
CA TYR B 405 -19.38 5.48 -41.79
C TYR B 405 -19.67 6.64 -40.85
N TYR B 406 -19.78 6.37 -39.54
CA TYR B 406 -20.09 7.42 -38.58
C TYR B 406 -18.95 8.42 -38.46
N ILE B 407 -17.70 7.98 -38.61
CA ILE B 407 -16.58 8.92 -38.64
C ILE B 407 -16.66 9.77 -39.90
N GLN B 408 -17.09 9.18 -41.02
CA GLN B 408 -17.17 9.91 -42.28
C GLN B 408 -18.23 11.00 -42.23
N GLN B 409 -19.28 10.82 -41.43
CA GLN B 409 -20.38 11.77 -41.40
C GLN B 409 -20.20 12.88 -40.37
N ASP B 410 -19.36 12.69 -39.37
CA ASP B 410 -19.20 13.66 -38.29
C ASP B 410 -17.94 14.52 -38.41
N THR B 411 -16.92 14.05 -39.12
CA THR B 411 -15.66 14.76 -39.25
C THR B 411 -15.39 15.08 -40.71
N LYS B 412 -14.74 16.22 -40.94
CA LYS B 412 -14.48 16.72 -42.28
C LYS B 412 -13.03 17.15 -42.42
N GLY B 413 -12.57 17.22 -43.67
CA GLY B 413 -11.23 17.69 -43.96
C GLY B 413 -10.17 16.63 -43.74
N ASP B 414 -8.92 17.10 -43.61
CA ASP B 414 -7.81 16.21 -43.31
C ASP B 414 -8.00 15.54 -41.96
N TYR B 415 -8.72 16.18 -41.05
CA TYR B 415 -9.06 15.57 -39.77
C TYR B 415 -9.78 14.25 -39.97
N GLN B 416 -10.75 14.22 -40.89
CA GLN B 416 -11.48 12.98 -41.16
C GLN B 416 -10.55 11.91 -41.73
N LYS B 417 -9.68 12.29 -42.68
CA LYS B 417 -8.81 11.31 -43.31
C LYS B 417 -7.89 10.63 -42.30
N ALA B 418 -7.40 11.39 -41.32
CA ALA B 418 -6.54 10.80 -40.31
C ALA B 418 -7.30 9.76 -39.48
N LEU B 419 -8.52 10.09 -39.07
CA LEU B 419 -9.32 9.14 -38.31
C LEU B 419 -9.80 7.99 -39.17
N LEU B 420 -9.95 8.21 -40.48
CA LEU B 420 -10.39 7.13 -41.36
C LEU B 420 -9.29 6.09 -41.57
N TYR B 421 -8.04 6.54 -41.67
CA TYR B 421 -6.92 5.60 -41.81
C TYR B 421 -6.77 4.75 -40.57
N LEU B 422 -7.00 5.34 -39.38
CA LEU B 422 -6.92 4.57 -38.14
C LEU B 422 -8.01 3.53 -38.03
N CYS B 423 -9.15 3.73 -38.72
CA CYS B 423 -10.22 2.74 -38.66
C CYS B 423 -9.85 1.48 -39.45
N GLY B 424 -9.45 1.65 -40.71
CA GLY B 424 -9.06 0.51 -41.52
C GLY B 424 -9.49 0.62 -42.96
N GLY B 425 -9.97 -0.50 -43.52
CA GLY B 425 -10.43 -0.48 -44.89
C GLY B 425 -11.62 0.45 -45.07
N ASP B 426 -11.63 1.17 -46.19
CA ASP B 426 -12.65 2.20 -46.44
C ASP B 426 -13.97 1.54 -46.83
N ASP B 427 -14.62 0.95 -45.83
CA ASP B 427 -15.92 0.33 -46.03
C ASP B 427 -16.71 0.34 -44.72
N LEU C 2 -2.05 16.58 17.37
CA LEU C 2 -1.38 16.33 16.08
C LEU C 2 -1.07 17.58 15.27
N PRO C 3 -0.36 18.55 15.85
CA PRO C 3 0.05 19.68 15.01
C PRO C 3 1.37 19.33 14.35
N SEP C 4 1.56 19.74 13.11
CA SEP C 4 2.72 19.26 12.41
CB SEP C 4 2.56 17.76 12.13
OG SEP C 4 3.24 17.37 10.96
C SEP C 4 2.89 20.05 11.15
O SEP C 4 1.99 20.15 10.33
P SEP C 4 2.19 16.46 10.16
O1P SEP C 4 1.38 17.37 9.11
O2P SEP C 4 1.14 15.83 11.22
O3P SEP C 4 2.96 15.26 9.42
N THR C 5 4.06 20.67 11.03
CA THR C 5 4.34 21.61 9.96
C THR C 5 5.74 21.47 9.41
N THR C 6 5.85 21.47 8.09
CA THR C 6 7.15 21.37 7.44
C THR C 6 7.92 22.69 7.55
N LEU C 7 9.22 22.59 7.79
CA LEU C 7 10.11 23.75 7.82
C LEU C 7 11.30 23.58 6.85
C1 GOL D . -5.78 -6.29 13.88
O1 GOL D . -5.96 -5.89 12.54
C2 GOL D . -6.54 -7.59 14.12
O2 GOL D . -6.73 -8.26 12.89
C3 GOL D . -5.72 -8.48 15.04
O3 GOL D . -5.36 -7.73 16.18
C1 GOL E . -16.61 -0.81 10.33
O1 GOL E . -15.35 -1.40 10.55
C2 GOL E . -16.97 0.08 11.51
O2 GOL E . -15.79 0.57 12.12
C3 GOL E . -17.82 1.25 11.02
O3 GOL E . -18.96 0.76 10.36
C1 GOL F . 5.68 -5.23 14.97
O1 GOL F . 5.59 -5.83 13.70
C2 GOL F . 5.69 -6.31 16.05
O2 GOL F . 6.79 -6.13 16.91
C3 GOL F . 4.40 -6.25 16.85
O3 GOL F . 4.46 -7.15 17.93
CA CA G . 31.38 -16.81 29.20
CA CA H . -23.41 -25.55 12.81
CA CA I . -30.07 -11.23 24.68
CA CA J . 4.91 -26.24 28.12
CA CA K . 21.84 30.75 23.56
CA CA L . 7.62 -25.05 31.81
C1 GOL M . -8.28 -4.97 -16.89
O1 GOL M . -7.79 -6.18 -16.34
C2 GOL M . -9.49 -4.51 -16.09
O2 GOL M . -9.30 -3.18 -15.67
C3 GOL M . -10.75 -4.61 -16.95
O3 GOL M . -10.61 -3.80 -18.09
C1 GOL N . -9.18 -15.38 -9.49
O1 GOL N . -8.26 -14.37 -9.14
C2 GOL N . -8.62 -16.23 -10.63
O2 GOL N . -7.29 -15.83 -10.88
C3 GOL N . -8.65 -17.69 -10.21
O3 GOL N . -9.96 -18.03 -9.80
CA CA O . -31.13 -0.58 -2.10
CA CA P . -2.43 23.73 -45.51
CA CA Q . -22.60 14.40 -34.60
#